data_8XXH
#
_entry.id   8XXH
#
_cell.length_a   1.00
_cell.length_b   1.00
_cell.length_c   1.00
_cell.angle_alpha   90.00
_cell.angle_beta   90.00
_cell.angle_gamma   90.00
#
_symmetry.space_group_name_H-M   'P 1'
#
loop_
_entity.id
_entity.type
_entity.pdbx_description
1 polymer 'Guanine nucleotide-binding protein G(o) subunit alpha'
2 polymer 'Guanine nucleotide-binding protein G(I)/G(S)/G(T) subunit beta-1'
3 polymer 'Guanine nucleotide-binding protein G(I)/G(S)/G(O) subunit gamma-2'
4 polymer 'Antibody fragment ScFv16'
5 polymer 'C-X-C chemokine receptor type 2'
6 polymer 'C-X-C motif chemokine 2'
#
loop_
_entity_poly.entity_id
_entity_poly.type
_entity_poly.pdbx_seq_one_letter_code
_entity_poly.pdbx_strand_id
1 'polypeptide(L)'
;MGHHHHHHENLYFQGTLSAEERAALERSKAIEKNLKEDGISAAKDVKLLLLGADNSGKSTIVKQMKIIHGGSGGSGGTTG
IVETHFTFKNLHFRLFDVGGQRSERKKWIHCFEDVTAIIFCVDLSDYNRMHESLMLFDSICNNKFFIDTSIILFLNKKDL
FGEKIKKSPLTICFPEYTGPNTYEDAAAYIQAQFESKNRSPNKEIYCHMTCATDTNNAQVIFDAVTDIIIANNLRGCGLY
;
A
2 'polypeptide(L)'
;MHHHHHHGSSGSELDQLRQEAEQLKNQIRDARKACADATLSQITNNIDPVGRIQMRTRRTLRGHLAKIYAMHWGTDSRLL
VSASQDGKLIIWDSYTTNKVHAIPLRSSWVMTCAYAPSGNYVACGGLDNICSIYNLKTREGNVRVSRELAGHTGYLSCCR
FLDDNQIVTSSGDTTCALWDIETGQQTTTFTGHTGDVMSLSLAPDTRLFVSGACDASAKLWDVREGMCRQTFTGHESDIN
AICFFPNGNAFATGSDDATCRLFDLRADQELMTYSHDNIICGITSVSFSKSGRLLLAGYDDFNCNVWDALKADRAGVLAG
HDNRVSCLGVTDDGMAVATGSWDSFLKIWN
;
B
3 'polypeptide(L)' MASNNTASIAQARKLVEQLKMEANIDRIKVSKAAADLMAYCEAHAKEDPLLTPVPASENPFREKKFFCAIL G
4 'polypeptide(L)'
;DVQLVESGGGLVQPGGSRKLSCSASGFAFSSFGMHWVRQAPEKGLEWVAYISSGSGTIYYADTVKGRFTISRDDPKNTLF
LQMTSLRSEDTAMYYCVRSIYYYGSSPFDFWGQGTTLTVSSGGGGSGGGGSGGGGSDIVMTQATSSVPVTPGESVSISCR
SSKSLLHSNGNTYLYWFLQRPGQSPQLLIYRMSNLASGVPDRFSGSGSGTAFTLTISRLEAEDVGVYYCMQHLEYPLTFG
AGTKLELK
;
S
5 'polypeptide(L)'
;MGKTIIALSYIFCLVFADYKDDDDAANFTPVNGSSGNQSVRLVTSSSLEVLFQGPGSEDFNMESDSFEDFWKGEDLSNYS
YSSTLPPFLLDAAPCEPESLEINKYFVVIIYALVFLLSLLGNSLVMLVILYSRVGRSVTDVYLLNLALADLLFALTLPIW
AASKVNGWIFGTFLCKVVSLLKEVNFYSGILLLACISVDRYLAIVHATRTLTQKRYLVKFICLSIWGLSLLLALPVLLFR
RTVYSSNVSPACYEDMGNNTANWRMLLRILPQSFGFIVPLLIMLFCYGFTLRTLFKAHMGQKHRAMRVIFAVVLIFLLCW
LPYNLVLLADTLMRTQVIQETCERRNHIDRALDATEILGILHSCLNPLIYAFIGQKFRHGLLKILAIHGLISKDSLPKDS
RPSFVGSSSGHTSTTL
;
R
6 'polypeptide(L)' APLATELRCQCLQTLQGIHLKNIQSVKVKSPGPHCAQTEVIATLKNGQKACLNPASPMVKKIIEKMLKNGKSN D,E
#
# COMPACT_ATOMS: atom_id res chain seq x y z
N THR A 16 5.63 -17.02 -16.27
CA THR A 16 6.66 -16.22 -16.92
C THR A 16 7.76 -17.10 -17.49
N LEU A 17 7.43 -18.35 -17.75
CA LEU A 17 8.40 -19.31 -18.30
C LEU A 17 8.51 -19.18 -19.82
N SER A 18 7.37 -19.15 -20.51
CA SER A 18 7.39 -19.09 -21.96
C SER A 18 7.88 -17.73 -22.45
N ALA A 19 8.33 -17.70 -23.71
CA ALA A 19 8.80 -16.46 -24.30
C ALA A 19 7.68 -15.45 -24.44
N GLU A 20 6.49 -15.89 -24.84
CA GLU A 20 5.36 -14.98 -24.96
C GLU A 20 4.92 -14.47 -23.59
N GLU A 21 4.93 -15.35 -22.57
CA GLU A 21 4.53 -14.93 -21.23
C GLU A 21 5.56 -13.99 -20.60
N ARG A 22 6.82 -14.08 -21.01
CA ARG A 22 7.82 -13.14 -20.52
C ARG A 22 7.52 -11.73 -21.00
N ALA A 23 7.09 -11.58 -22.25
CA ALA A 23 6.74 -10.27 -22.78
C ALA A 23 5.43 -9.76 -22.19
N ALA A 24 4.51 -10.67 -21.86
CA ALA A 24 3.27 -10.27 -21.20
C ALA A 24 3.54 -9.70 -19.83
N LEU A 25 4.47 -10.30 -19.08
CA LEU A 25 4.88 -9.73 -17.80
C LEU A 25 5.57 -8.39 -17.97
N GLU A 26 6.34 -8.23 -19.05
CA GLU A 26 6.97 -6.94 -19.33
C GLU A 26 5.92 -5.89 -19.65
N ARG A 27 4.86 -6.27 -20.37
CA ARG A 27 3.77 -5.35 -20.64
C ARG A 27 3.07 -4.92 -19.36
N SER A 28 2.84 -5.86 -18.45
CA SER A 28 2.17 -5.54 -17.18
C SER A 28 3.00 -4.56 -16.36
N LYS A 29 4.32 -4.80 -16.29
CA LYS A 29 5.19 -3.91 -15.53
C LYS A 29 5.26 -2.52 -16.16
N ALA A 30 5.21 -2.44 -17.49
CA ALA A 30 5.18 -1.13 -18.14
C ALA A 30 3.87 -0.40 -17.85
N ILE A 31 2.76 -1.13 -17.77
CA ILE A 31 1.49 -0.53 -17.42
C ILE A 31 1.53 0.01 -15.99
N GLU A 32 2.10 -0.77 -15.08
CA GLU A 32 2.15 -0.35 -13.68
C GLU A 32 2.97 0.92 -13.49
N LYS A 33 4.02 1.10 -14.29
CA LYS A 33 4.84 2.31 -14.17
C LYS A 33 4.04 3.56 -14.49
N ASN A 34 3.22 3.50 -15.55
CA ASN A 34 2.37 4.64 -15.88
C ASN A 34 1.25 4.83 -14.87
N LEU A 35 0.76 3.73 -14.28
CA LEU A 35 -0.27 3.84 -13.25
C LEU A 35 0.26 4.58 -12.02
N LYS A 36 1.47 4.23 -11.60
CA LYS A 36 2.09 4.92 -10.46
C LYS A 36 2.45 6.35 -10.83
N GLU A 37 2.93 6.57 -12.06
CA GLU A 37 3.31 7.92 -12.49
C GLU A 37 2.09 8.84 -12.51
N ASP A 38 0.95 8.34 -13.00
CA ASP A 38 -0.26 9.16 -13.03
C ASP A 38 -0.74 9.48 -11.62
N GLY A 39 -0.55 8.54 -10.68
CA GLY A 39 -0.93 8.81 -9.30
C GLY A 39 -0.09 9.92 -8.67
N ILE A 40 1.19 9.98 -9.04
CA ILE A 40 2.06 11.05 -8.53
C ILE A 40 1.56 12.41 -9.02
N SER A 41 1.20 12.50 -10.30
CA SER A 41 0.69 13.75 -10.85
C SER A 41 -0.72 14.07 -10.35
N ALA A 42 -1.37 13.15 -9.67
CA ALA A 42 -2.71 13.36 -9.13
C ALA A 42 -2.70 13.68 -7.64
N ALA A 43 -1.53 13.99 -7.08
CA ALA A 43 -1.42 14.34 -5.67
C ALA A 43 -1.17 15.81 -5.42
N LYS A 44 -0.90 16.59 -6.47
CA LYS A 44 -0.65 18.02 -6.34
C LYS A 44 -1.92 18.86 -6.51
N ASP A 45 -3.07 18.22 -6.64
CA ASP A 45 -4.33 18.92 -6.86
C ASP A 45 -5.20 18.82 -5.62
N VAL A 46 -5.98 19.89 -5.37
CA VAL A 46 -6.89 19.96 -4.24
C VAL A 46 -8.30 19.80 -4.77
N LYS A 47 -9.04 18.83 -4.24
CA LYS A 47 -10.39 18.52 -4.69
C LYS A 47 -11.39 19.17 -3.73
N LEU A 48 -12.11 20.17 -4.22
CA LEU A 48 -13.10 20.89 -3.43
C LEU A 48 -14.49 20.67 -4.01
N LEU A 49 -15.49 20.84 -3.16
CA LEU A 49 -16.88 20.57 -3.52
C LEU A 49 -17.68 21.86 -3.42
N LEU A 50 -18.37 22.22 -4.50
CA LEU A 50 -19.18 23.43 -4.53
C LEU A 50 -20.64 23.07 -4.24
N LEU A 51 -21.23 23.80 -3.30
CA LEU A 51 -22.62 23.60 -2.92
C LEU A 51 -23.29 24.96 -2.70
N GLY A 52 -24.61 24.93 -2.56
CA GLY A 52 -25.36 26.14 -2.34
C GLY A 52 -26.62 26.22 -3.16
N ALA A 53 -27.51 27.16 -2.81
CA ALA A 53 -28.75 27.33 -3.54
C ALA A 53 -28.49 27.98 -4.91
N ASP A 54 -29.51 27.94 -5.75
CA ASP A 54 -29.40 28.53 -7.08
C ASP A 54 -29.30 30.05 -6.99
N ASN A 55 -28.61 30.63 -7.98
CA ASN A 55 -28.41 32.08 -8.08
C ASN A 55 -27.71 32.64 -6.85
N SER A 56 -26.84 31.85 -6.23
CA SER A 56 -26.11 32.26 -5.04
C SER A 56 -24.64 32.53 -5.32
N GLY A 57 -24.24 32.61 -6.59
CA GLY A 57 -22.86 32.82 -6.93
C GLY A 57 -21.99 31.59 -6.90
N LYS A 58 -22.57 30.40 -6.88
CA LYS A 58 -21.81 29.16 -6.80
C LYS A 58 -21.04 28.86 -8.09
N SER A 59 -21.27 29.61 -9.16
CA SER A 59 -20.56 29.43 -10.41
C SER A 59 -19.65 30.61 -10.75
N THR A 60 -19.67 31.67 -9.94
CA THR A 60 -18.90 32.88 -10.21
C THR A 60 -18.15 33.34 -8.97
N ILE A 61 -17.47 32.41 -8.29
CA ILE A 61 -16.68 32.78 -7.12
C ILE A 61 -15.37 33.43 -7.54
N VAL A 62 -14.57 32.71 -8.31
CA VAL A 62 -13.28 33.18 -8.80
C VAL A 62 -13.42 33.58 -10.26
N LYS A 63 -12.92 34.76 -10.60
CA LYS A 63 -12.99 35.23 -11.98
C LYS A 63 -11.99 34.53 -12.89
N GLN A 64 -11.04 33.78 -12.33
CA GLN A 64 -10.11 32.97 -13.10
C GLN A 64 -10.69 31.56 -13.18
N MET A 65 -11.62 31.39 -14.12
CA MET A 65 -12.42 30.17 -14.15
C MET A 65 -11.66 29.01 -14.78
N LYS A 66 -11.38 29.10 -16.08
CA LYS A 66 -10.79 28.01 -16.84
C LYS A 66 -11.51 26.69 -16.56
N ILE A 67 -12.79 26.68 -16.99
CA ILE A 67 -13.70 25.59 -16.62
C ILE A 67 -13.12 24.23 -16.98
N ILE A 68 -12.85 24.00 -18.26
CA ILE A 68 -12.32 22.73 -18.72
C ILE A 68 -11.81 22.84 -20.15
N THR A 79 -25.23 18.98 -19.12
CA THR A 79 -25.93 18.72 -17.87
C THR A 79 -25.30 17.53 -17.15
N GLY A 80 -24.93 17.74 -15.88
CA GLY A 80 -24.29 16.72 -15.09
C GLY A 80 -23.37 17.30 -14.04
N ILE A 81 -22.11 16.86 -14.02
CA ILE A 81 -21.13 17.36 -13.08
C ILE A 81 -20.21 18.33 -13.83
N VAL A 82 -19.90 19.46 -13.19
CA VAL A 82 -19.11 20.52 -13.80
C VAL A 82 -17.82 20.68 -13.00
N GLU A 83 -16.70 20.72 -13.70
CA GLU A 83 -15.39 20.85 -13.07
C GLU A 83 -14.78 22.21 -13.39
N THR A 84 -13.92 22.67 -12.47
CA THR A 84 -13.20 23.91 -12.63
C THR A 84 -11.81 23.72 -12.01
N HIS A 85 -10.77 24.03 -12.78
CA HIS A 85 -9.41 23.64 -12.42
C HIS A 85 -8.47 24.84 -12.43
N PHE A 86 -8.87 25.93 -11.77
CA PHE A 86 -7.99 27.07 -11.61
C PHE A 86 -6.84 26.71 -10.67
N THR A 87 -5.69 27.36 -10.89
CA THR A 87 -4.49 27.14 -10.11
C THR A 87 -4.07 28.42 -9.42
N PHE A 88 -3.39 28.27 -8.27
CA PHE A 88 -2.99 29.42 -7.47
C PHE A 88 -1.83 29.01 -6.56
N LYS A 89 -0.74 29.79 -6.62
CA LYS A 89 0.43 29.58 -5.77
C LYS A 89 0.98 28.16 -5.90
N ASN A 90 1.20 27.74 -7.14
CA ASN A 90 1.78 26.43 -7.46
C ASN A 90 0.94 25.29 -6.89
N LEU A 91 -0.37 25.51 -6.78
CA LEU A 91 -1.28 24.50 -6.28
C LEU A 91 -2.51 24.45 -7.18
N HIS A 92 -2.97 23.24 -7.49
CA HIS A 92 -4.07 23.03 -8.41
C HIS A 92 -5.36 22.82 -7.63
N PHE A 93 -6.36 23.65 -7.88
CA PHE A 93 -7.65 23.58 -7.20
C PHE A 93 -8.69 23.08 -8.20
N ARG A 94 -9.33 21.97 -7.87
CA ARG A 94 -10.37 21.39 -8.72
C ARG A 94 -11.71 21.52 -8.00
N LEU A 95 -12.60 22.32 -8.58
CA LEU A 95 -13.92 22.58 -8.02
C LEU A 95 -14.96 21.76 -8.76
N PHE A 96 -15.73 20.96 -8.02
CA PHE A 96 -16.76 20.12 -8.59
C PHE A 96 -18.12 20.68 -8.21
N ASP A 97 -18.88 21.10 -9.22
CA ASP A 97 -20.24 21.61 -9.02
C ASP A 97 -21.22 20.47 -9.25
N VAL A 98 -21.97 20.10 -8.20
CA VAL A 98 -22.90 19.00 -8.26
C VAL A 98 -24.31 19.43 -8.60
N GLY A 99 -24.54 20.72 -8.84
CA GLY A 99 -25.86 21.18 -9.21
C GLY A 99 -26.26 20.67 -10.59
N GLY A 100 -27.57 20.53 -10.79
CA GLY A 100 -28.12 20.07 -12.04
C GLY A 100 -28.39 18.58 -12.09
N GLN A 101 -27.87 17.81 -11.14
CA GLN A 101 -28.17 16.37 -11.11
C GLN A 101 -29.64 16.12 -10.87
N ARG A 102 -30.25 16.86 -9.93
CA ARG A 102 -31.67 16.75 -9.62
C ARG A 102 -32.07 15.33 -9.26
N SER A 103 -31.18 14.63 -8.55
CA SER A 103 -31.47 13.28 -8.10
C SER A 103 -31.31 13.18 -6.59
N GLU A 104 -31.42 11.97 -6.03
CA GLU A 104 -31.25 11.78 -4.60
C GLU A 104 -29.76 11.83 -4.26
N ARG A 105 -29.39 12.78 -3.40
CA ARG A 105 -27.98 12.98 -3.07
C ARG A 105 -27.39 11.80 -2.32
N LYS A 106 -28.22 11.00 -1.62
CA LYS A 106 -27.69 9.93 -0.78
C LYS A 106 -26.96 8.85 -1.58
N LYS A 107 -27.16 8.80 -2.90
CA LYS A 107 -26.61 7.72 -3.70
C LYS A 107 -25.28 8.07 -4.37
N TRP A 108 -25.00 9.35 -4.59
CA TRP A 108 -23.77 9.74 -5.26
C TRP A 108 -22.94 10.74 -4.47
N ILE A 109 -23.38 11.18 -3.28
CA ILE A 109 -22.60 12.11 -2.50
C ILE A 109 -21.41 11.42 -1.82
N HIS A 110 -21.43 10.09 -1.75
CA HIS A 110 -20.29 9.36 -1.18
C HIS A 110 -19.11 9.29 -2.13
N CYS A 111 -19.29 9.66 -3.40
CA CYS A 111 -18.16 9.74 -4.33
C CYS A 111 -17.20 10.84 -3.91
N PHE A 112 -17.73 11.94 -3.37
CA PHE A 112 -16.93 13.07 -2.91
C PHE A 112 -16.54 12.96 -1.44
N GLU A 113 -16.45 11.73 -0.90
CA GLU A 113 -16.10 11.55 0.49
C GLU A 113 -14.67 11.99 0.78
N ASP A 114 -13.81 12.04 -0.23
CA ASP A 114 -12.40 12.34 -0.03
C ASP A 114 -12.03 13.77 -0.42
N VAL A 115 -13.02 14.65 -0.62
CA VAL A 115 -12.70 16.02 -0.97
C VAL A 115 -12.01 16.71 0.21
N THR A 116 -11.16 17.68 -0.11
CA THR A 116 -10.43 18.39 0.94
C THR A 116 -11.35 19.27 1.78
N ALA A 117 -12.28 19.97 1.16
CA ALA A 117 -13.17 20.86 1.88
C ALA A 117 -14.47 21.01 1.11
N ILE A 118 -15.42 21.72 1.72
CA ILE A 118 -16.72 22.02 1.12
C ILE A 118 -16.84 23.53 1.00
N ILE A 119 -17.15 24.02 -0.19
CA ILE A 119 -17.36 25.44 -0.42
C ILE A 119 -18.86 25.68 -0.53
N PHE A 120 -19.40 26.46 0.40
CA PHE A 120 -20.83 26.76 0.45
C PHE A 120 -21.04 28.23 0.14
N CYS A 121 -21.96 28.51 -0.77
CA CYS A 121 -22.28 29.87 -1.19
C CYS A 121 -23.69 30.23 -0.74
N VAL A 122 -23.81 31.37 -0.06
CA VAL A 122 -25.07 31.85 0.47
C VAL A 122 -25.30 33.28 -0.04
N ASP A 123 -26.50 33.54 -0.54
CA ASP A 123 -26.87 34.87 -1.03
C ASP A 123 -27.65 35.58 0.06
N LEU A 124 -27.09 36.68 0.57
CA LEU A 124 -27.70 37.43 1.65
C LEU A 124 -28.88 38.27 1.21
N SER A 125 -28.99 38.57 -0.09
CA SER A 125 -30.09 39.40 -0.58
C SER A 125 -31.37 38.61 -0.82
N ASP A 126 -31.33 37.28 -0.76
CA ASP A 126 -32.50 36.43 -0.98
C ASP A 126 -33.07 36.05 0.38
N TYR A 127 -34.15 36.71 0.78
CA TYR A 127 -34.78 36.42 2.05
C TYR A 127 -35.69 35.19 2.01
N ASN A 128 -36.05 34.73 0.81
CA ASN A 128 -36.91 33.56 0.68
C ASN A 128 -36.12 32.26 0.59
N ARG A 129 -34.95 32.28 -0.06
CA ARG A 129 -34.11 31.10 -0.15
C ARG A 129 -33.17 30.94 1.04
N MET A 130 -33.18 31.89 1.98
CA MET A 130 -32.31 31.79 3.15
C MET A 130 -32.66 30.55 3.98
N HIS A 131 -33.95 30.28 4.17
CA HIS A 131 -34.34 29.07 4.89
C HIS A 131 -34.04 27.83 4.08
N GLU A 132 -34.15 27.91 2.75
CA GLU A 132 -33.76 26.79 1.90
C GLU A 132 -32.26 26.53 2.00
N SER A 133 -31.45 27.58 2.06
CA SER A 133 -30.01 27.41 2.19
C SER A 133 -29.65 26.78 3.54
N LEU A 134 -30.36 27.17 4.59
CA LEU A 134 -30.07 26.61 5.92
C LEU A 134 -30.34 25.11 5.96
N MET A 135 -31.40 24.66 5.29
CA MET A 135 -31.67 23.23 5.22
C MET A 135 -30.56 22.50 4.49
N LEU A 136 -30.04 23.09 3.41
CA LEU A 136 -28.92 22.48 2.68
C LEU A 136 -27.68 22.39 3.56
N PHE A 137 -27.37 23.47 4.28
CA PHE A 137 -26.19 23.47 5.15
C PHE A 137 -26.35 22.46 6.28
N ASP A 138 -27.54 22.38 6.86
CA ASP A 138 -27.77 21.46 7.97
C ASP A 138 -27.59 20.01 7.53
N SER A 139 -28.11 19.67 6.34
CA SER A 139 -28.01 18.30 5.85
C SER A 139 -26.57 17.93 5.50
N ILE A 140 -25.86 18.84 4.83
CA ILE A 140 -24.51 18.54 4.38
C ILE A 140 -23.54 18.47 5.56
N CYS A 141 -23.66 19.40 6.50
CA CYS A 141 -22.70 19.46 7.61
C CYS A 141 -22.79 18.22 8.49
N ASN A 142 -24.00 17.72 8.73
CA ASN A 142 -24.22 16.58 9.61
C ASN A 142 -24.30 15.26 8.85
N ASN A 143 -23.96 15.25 7.57
CA ASN A 143 -23.95 14.00 6.81
C ASN A 143 -22.86 13.08 7.36
N LYS A 144 -23.12 11.77 7.26
CA LYS A 144 -22.19 10.80 7.82
C LYS A 144 -20.86 10.78 7.06
N PHE A 145 -20.88 11.03 5.76
CA PHE A 145 -19.65 11.04 4.98
C PHE A 145 -18.85 12.32 5.18
N PHE A 146 -19.52 13.44 5.44
CA PHE A 146 -18.85 14.73 5.62
C PHE A 146 -18.77 15.14 7.09
N ILE A 147 -18.57 14.17 7.99
CA ILE A 147 -18.49 14.47 9.42
C ILE A 147 -17.17 15.11 9.81
N ASP A 148 -16.15 15.05 8.95
CA ASP A 148 -14.84 15.62 9.27
C ASP A 148 -14.34 16.61 8.23
N THR A 149 -15.07 16.82 7.13
CA THR A 149 -14.65 17.74 6.09
C THR A 149 -15.00 19.17 6.51
N SER A 150 -13.97 20.01 6.63
CA SER A 150 -14.20 21.41 6.97
C SER A 150 -14.93 22.12 5.84
N ILE A 151 -15.69 23.16 6.20
CA ILE A 151 -16.54 23.89 5.28
C ILE A 151 -16.02 25.31 5.15
N ILE A 152 -15.87 25.77 3.91
CA ILE A 152 -15.52 27.15 3.62
C ILE A 152 -16.80 27.84 3.17
N LEU A 153 -17.41 28.61 4.07
CA LEU A 153 -18.70 29.23 3.83
C LEU A 153 -18.48 30.65 3.29
N PHE A 154 -19.12 30.96 2.17
CA PHE A 154 -19.01 32.24 1.51
C PHE A 154 -20.34 32.97 1.60
N LEU A 155 -20.33 34.19 2.14
CA LEU A 155 -21.51 35.03 2.24
C LEU A 155 -21.38 36.13 1.18
N ASN A 156 -22.19 36.05 0.15
CA ASN A 156 -22.03 36.88 -1.04
C ASN A 156 -22.89 38.13 -0.98
N LYS A 157 -22.54 39.10 -1.82
CA LYS A 157 -23.33 40.31 -2.09
C LYS A 157 -23.58 41.10 -0.80
N LYS A 158 -22.48 41.62 -0.25
CA LYS A 158 -22.57 42.52 0.89
C LYS A 158 -23.34 43.79 0.52
N ASP A 159 -23.03 44.37 -0.64
CA ASP A 159 -23.63 45.65 -1.02
C ASP A 159 -25.13 45.49 -1.26
N LEU A 160 -25.54 44.41 -1.93
CA LEU A 160 -26.97 44.18 -2.17
C LEU A 160 -27.71 43.98 -0.86
N PHE A 161 -27.11 43.22 0.08
CA PHE A 161 -27.73 43.04 1.39
C PHE A 161 -27.77 44.36 2.16
N GLY A 162 -26.72 45.18 2.02
CA GLY A 162 -26.68 46.45 2.74
C GLY A 162 -27.78 47.39 2.31
N GLU A 163 -28.10 47.40 1.01
CA GLU A 163 -29.20 48.24 0.53
C GLU A 163 -30.55 47.62 0.82
N LYS A 164 -30.64 46.28 0.82
CA LYS A 164 -31.92 45.61 1.00
C LYS A 164 -32.45 45.79 2.42
N ILE A 165 -31.55 45.74 3.42
CA ILE A 165 -31.99 45.77 4.82
C ILE A 165 -32.67 47.10 5.15
N LYS A 166 -32.20 48.20 4.57
CA LYS A 166 -32.82 49.49 4.83
C LYS A 166 -34.27 49.52 4.34
N LYS A 167 -34.52 48.97 3.16
CA LYS A 167 -35.88 48.96 2.62
C LYS A 167 -36.78 47.99 3.40
N SER A 168 -36.27 46.81 3.71
CA SER A 168 -37.02 45.79 4.45
C SER A 168 -36.15 45.27 5.58
N PRO A 169 -36.59 45.40 6.83
CA PRO A 169 -35.76 44.94 7.95
C PRO A 169 -35.65 43.42 7.97
N LEU A 170 -34.59 42.94 8.62
CA LEU A 170 -34.32 41.50 8.72
C LEU A 170 -35.22 40.87 9.80
N THR A 171 -36.51 40.86 9.52
CA THR A 171 -37.48 40.23 10.41
C THR A 171 -38.49 39.34 9.69
N ILE A 172 -38.72 39.53 8.39
CA ILE A 172 -39.63 38.65 7.66
C ILE A 172 -39.01 37.27 7.50
N CYS A 173 -37.70 37.20 7.26
CA CYS A 173 -37.02 35.92 7.11
C CYS A 173 -36.72 35.28 8.47
N PHE A 174 -36.27 36.08 9.44
CA PHE A 174 -35.92 35.61 10.77
C PHE A 174 -36.75 36.37 11.80
N PRO A 175 -37.92 35.84 12.19
CA PRO A 175 -38.73 36.54 13.20
C PRO A 175 -38.10 36.58 14.57
N GLU A 176 -37.10 35.75 14.84
CA GLU A 176 -36.47 35.70 16.15
C GLU A 176 -35.40 36.77 16.35
N TYR A 177 -35.11 37.57 15.32
CA TYR A 177 -34.09 38.60 15.44
C TYR A 177 -34.53 39.66 16.44
N THR A 178 -33.59 40.10 17.28
CA THR A 178 -33.88 41.08 18.33
C THR A 178 -32.88 42.22 18.38
N GLY A 179 -31.66 42.06 17.86
CA GLY A 179 -30.64 43.07 17.96
C GLY A 179 -30.87 44.25 17.06
N PRO A 180 -29.89 45.16 17.00
CA PRO A 180 -30.05 46.37 16.18
C PRO A 180 -30.15 46.03 14.69
N ASN A 181 -30.82 46.90 13.95
CA ASN A 181 -31.03 46.73 12.52
C ASN A 181 -29.82 47.17 11.69
N THR A 182 -28.66 47.33 12.32
CA THR A 182 -27.47 47.73 11.59
C THR A 182 -26.92 46.57 10.77
N TYR A 183 -26.08 46.91 9.78
CA TYR A 183 -25.52 45.90 8.89
C TYR A 183 -24.61 44.94 9.65
N GLU A 184 -23.79 45.46 10.57
CA GLU A 184 -22.81 44.63 11.26
C GLU A 184 -23.50 43.55 12.11
N ASP A 185 -24.55 43.92 12.84
CA ASP A 185 -25.23 42.94 13.68
C ASP A 185 -26.08 41.98 12.85
N ALA A 186 -26.73 42.49 11.79
CA ALA A 186 -27.57 41.64 10.97
C ALA A 186 -26.73 40.59 10.22
N ALA A 187 -25.63 41.02 9.63
CA ALA A 187 -24.77 40.09 8.89
C ALA A 187 -24.16 39.05 9.83
N ALA A 188 -23.75 39.48 11.03
CA ALA A 188 -23.20 38.54 11.99
C ALA A 188 -24.27 37.58 12.52
N TYR A 189 -25.51 38.05 12.60
CA TYR A 189 -26.60 37.19 13.06
C TYR A 189 -26.84 36.05 12.07
N ILE A 190 -26.77 36.33 10.77
CA ILE A 190 -26.91 35.29 9.76
C ILE A 190 -25.76 34.29 9.88
N GLN A 191 -24.55 34.79 10.13
CA GLN A 191 -23.40 33.91 10.25
C GLN A 191 -23.52 32.98 11.45
N ALA A 192 -24.08 33.49 12.57
CA ALA A 192 -24.24 32.66 13.76
C ALA A 192 -25.18 31.50 13.51
N GLN A 193 -26.25 31.73 12.74
CA GLN A 193 -27.20 30.66 12.47
C GLN A 193 -26.56 29.52 11.69
N PHE A 194 -25.72 29.85 10.71
CA PHE A 194 -25.08 28.81 9.90
C PHE A 194 -24.11 27.98 10.73
N GLU A 195 -23.35 28.64 11.61
CA GLU A 195 -22.42 27.91 12.46
C GLU A 195 -23.10 27.20 13.62
N SER A 196 -24.36 27.54 13.92
CA SER A 196 -25.11 26.82 14.93
C SER A 196 -25.48 25.41 14.49
N LYS A 197 -25.35 25.10 13.20
CA LYS A 197 -25.63 23.79 12.67
C LYS A 197 -24.40 22.88 12.60
N ASN A 198 -23.25 23.36 13.07
CA ASN A 198 -22.04 22.54 13.04
C ASN A 198 -22.22 21.29 13.89
N ARG A 199 -22.37 21.45 15.20
CA ARG A 199 -22.75 20.38 16.12
C ARG A 199 -21.77 19.20 16.07
N SER A 200 -20.53 19.44 15.68
CA SER A 200 -19.56 18.37 15.53
C SER A 200 -18.16 18.88 15.88
N PRO A 201 -17.31 18.02 16.42
CA PRO A 201 -15.91 18.38 16.62
C PRO A 201 -15.07 17.99 15.40
N ASN A 202 -13.80 18.40 15.45
CA ASN A 202 -12.82 18.19 14.39
C ASN A 202 -13.19 18.88 13.08
N LYS A 203 -14.22 19.74 13.09
CA LYS A 203 -14.67 20.45 11.90
C LYS A 203 -14.69 21.94 12.18
N GLU A 204 -14.10 22.72 11.28
CA GLU A 204 -14.04 24.17 11.42
C GLU A 204 -14.68 24.81 10.19
N ILE A 205 -15.49 25.84 10.42
CA ILE A 205 -16.19 26.56 9.36
C ILE A 205 -15.48 27.89 9.17
N TYR A 206 -14.87 28.07 8.01
CA TYR A 206 -14.16 29.30 7.68
C TYR A 206 -15.09 30.21 6.88
N CYS A 207 -15.59 31.25 7.53
CA CYS A 207 -16.51 32.19 6.90
C CYS A 207 -15.76 33.34 6.26
N HIS A 208 -16.43 34.01 5.32
CA HIS A 208 -15.89 35.20 4.68
C HIS A 208 -17.02 35.91 3.96
N MET A 209 -17.01 37.23 4.03
CA MET A 209 -18.02 38.07 3.39
C MET A 209 -17.48 38.55 2.05
N THR A 210 -18.22 38.24 0.97
CA THR A 210 -17.78 38.55 -0.38
C THR A 210 -18.82 39.43 -1.07
N CYS A 211 -18.36 40.14 -2.09
CA CYS A 211 -19.22 40.96 -2.93
C CYS A 211 -18.97 40.60 -4.39
N ALA A 212 -19.76 41.22 -5.28
CA ALA A 212 -19.60 40.93 -6.71
C ALA A 212 -18.23 41.36 -7.22
N THR A 213 -17.76 42.54 -6.80
CA THR A 213 -16.47 43.06 -7.26
C THR A 213 -15.33 42.70 -6.31
N ASP A 214 -15.18 41.41 -6.03
CA ASP A 214 -14.10 40.91 -5.19
C ASP A 214 -13.25 39.95 -6.04
N THR A 215 -11.95 40.23 -6.11
CA THR A 215 -11.02 39.44 -6.92
C THR A 215 -10.21 38.46 -6.07
N ASN A 216 -10.09 38.70 -4.77
CA ASN A 216 -9.23 37.90 -3.90
C ASN A 216 -9.95 36.68 -3.32
N ASN A 217 -10.97 36.18 -4.01
CA ASN A 217 -11.65 34.96 -3.55
C ASN A 217 -10.72 33.76 -3.61
N ALA A 218 -9.82 33.73 -4.61
CA ALA A 218 -8.86 32.64 -4.71
C ALA A 218 -7.89 32.65 -3.53
N GLN A 219 -7.48 33.84 -3.07
CA GLN A 219 -6.61 33.93 -1.91
C GLN A 219 -7.29 33.41 -0.66
N VAL A 220 -8.58 33.73 -0.49
CA VAL A 220 -9.31 33.28 0.68
C VAL A 220 -9.44 31.76 0.68
N ILE A 221 -9.69 31.16 -0.48
CA ILE A 221 -9.77 29.70 -0.56
C ILE A 221 -8.41 29.08 -0.26
N PHE A 222 -7.33 29.69 -0.76
CA PHE A 222 -6.01 29.10 -0.61
C PHE A 222 -5.60 29.01 0.86
N ASP A 223 -5.81 30.07 1.63
CA ASP A 223 -5.39 30.06 3.03
C ASP A 223 -6.24 29.12 3.86
N ALA A 224 -7.54 29.00 3.53
CA ALA A 224 -8.40 28.07 4.24
C ALA A 224 -8.00 26.63 3.96
N VAL A 225 -7.68 26.31 2.71
CA VAL A 225 -7.29 24.94 2.37
C VAL A 225 -5.98 24.57 3.06
N THR A 226 -5.01 25.49 3.06
CA THR A 226 -3.76 25.23 3.78
C THR A 226 -4.01 25.04 5.26
N ASP A 227 -4.94 25.82 5.83
CA ASP A 227 -5.27 25.67 7.24
C ASP A 227 -5.94 24.33 7.52
N ILE A 228 -6.76 23.85 6.58
CA ILE A 228 -7.43 22.57 6.76
C ILE A 228 -6.44 21.42 6.72
N ILE A 229 -5.44 21.51 5.85
CA ILE A 229 -4.46 20.44 5.71
C ILE A 229 -3.65 20.28 6.99
N ILE A 230 -3.32 21.39 7.65
CA ILE A 230 -2.57 21.33 8.90
C ILE A 230 -3.36 20.57 9.95
N ALA A 231 -4.66 20.84 10.05
CA ALA A 231 -5.49 20.16 11.04
C ALA A 231 -5.53 18.66 10.81
N ASN A 232 -5.66 18.23 9.56
CA ASN A 232 -5.64 16.80 9.26
C ASN A 232 -4.25 16.21 9.50
N ASN A 233 -3.20 16.96 9.16
CA ASN A 233 -1.84 16.49 9.41
C ASN A 233 -1.54 16.39 10.90
N LEU A 234 -2.08 17.33 11.69
CA LEU A 234 -1.88 17.28 13.13
C LEU A 234 -2.47 16.02 13.73
N ARG A 235 -3.68 15.66 13.31
CA ARG A 235 -4.30 14.43 13.80
C ARG A 235 -3.53 13.20 13.36
N GLY A 236 -3.05 13.18 12.12
CA GLY A 236 -2.28 12.04 11.65
C GLY A 236 -0.95 11.88 12.38
N CYS A 237 -0.27 13.00 12.64
CA CYS A 237 1.01 12.95 13.34
C CYS A 237 0.87 12.58 14.81
N GLY A 238 -0.35 12.59 15.35
CA GLY A 238 -0.57 12.26 16.75
C GLY A 238 -0.38 13.41 17.72
N LEU A 239 -0.06 14.61 17.24
CA LEU A 239 0.10 15.75 18.13
C LEU A 239 -1.19 16.08 18.86
N TYR A 240 -2.32 16.02 18.15
CA TYR A 240 -3.62 16.22 18.76
C TYR A 240 -4.35 14.89 18.94
N ASP B 15 -60.47 10.60 -9.19
CA ASP B 15 -60.92 10.11 -7.89
C ASP B 15 -61.52 8.71 -7.99
N GLN B 16 -62.33 8.49 -9.03
CA GLN B 16 -62.91 7.16 -9.24
C GLN B 16 -61.83 6.15 -9.59
N LEU B 17 -60.86 6.55 -10.41
CA LEU B 17 -59.78 5.65 -10.77
C LEU B 17 -58.91 5.31 -9.58
N ARG B 18 -58.82 6.22 -8.60
CA ARG B 18 -58.06 5.93 -7.39
C ARG B 18 -58.66 4.75 -6.63
N GLN B 19 -59.98 4.69 -6.55
CA GLN B 19 -60.63 3.52 -5.96
C GLN B 19 -60.34 2.27 -6.77
N GLU B 20 -60.33 2.40 -8.10
CA GLU B 20 -60.01 1.26 -8.96
C GLU B 20 -58.58 0.79 -8.73
N ALA B 21 -57.66 1.73 -8.51
CA ALA B 21 -56.28 1.37 -8.22
C ALA B 21 -56.17 0.58 -6.91
N GLU B 22 -56.93 1.00 -5.89
CA GLU B 22 -56.83 0.36 -4.58
C GLU B 22 -57.38 -1.06 -4.62
N GLN B 23 -58.53 -1.26 -5.28
CA GLN B 23 -59.14 -2.59 -5.31
C GLN B 23 -58.29 -3.56 -6.12
N LEU B 24 -57.58 -3.08 -7.13
CA LEU B 24 -56.68 -3.95 -7.89
C LEU B 24 -55.55 -4.46 -7.02
N LYS B 25 -55.01 -3.60 -6.15
CA LYS B 25 -53.99 -4.04 -5.20
C LYS B 25 -54.53 -5.09 -4.26
N ASN B 26 -55.77 -4.91 -3.78
CA ASN B 26 -56.38 -5.88 -2.88
C ASN B 26 -56.56 -7.23 -3.57
N GLN B 27 -56.98 -7.22 -4.83
CA GLN B 27 -57.13 -8.47 -5.57
C GLN B 27 -55.80 -9.19 -5.72
N ILE B 28 -54.73 -8.43 -6.02
CA ILE B 28 -53.40 -9.04 -6.16
C ILE B 28 -52.95 -9.63 -4.83
N ARG B 29 -53.12 -8.87 -3.73
CA ARG B 29 -52.66 -9.33 -2.43
C ARG B 29 -53.41 -10.59 -1.99
N ASP B 30 -54.73 -10.62 -2.18
CA ASP B 30 -55.50 -11.79 -1.82
C ASP B 30 -55.11 -13.00 -2.66
N ALA B 31 -54.94 -12.78 -3.97
CA ALA B 31 -54.51 -13.88 -4.85
C ALA B 31 -53.10 -14.32 -4.50
N ARG B 32 -52.21 -13.38 -4.21
CA ARG B 32 -50.84 -13.72 -3.83
C ARG B 32 -50.81 -14.52 -2.53
N LYS B 33 -51.63 -14.12 -1.56
CA LYS B 33 -51.69 -14.84 -0.29
C LYS B 33 -52.33 -16.21 -0.42
N ALA B 34 -53.26 -16.38 -1.34
CA ALA B 34 -53.93 -17.68 -1.49
C ALA B 34 -52.99 -18.73 -2.09
N CYS B 35 -52.01 -18.30 -2.89
CA CYS B 35 -51.07 -19.25 -3.47
C CYS B 35 -50.09 -19.78 -2.43
N ALA B 36 -49.86 -19.03 -1.35
CA ALA B 36 -48.92 -19.46 -0.34
C ALA B 36 -49.48 -20.61 0.48
N ASP B 37 -48.82 -21.77 0.41
CA ASP B 37 -49.19 -22.93 1.21
C ASP B 37 -48.14 -23.28 2.25
N ALA B 38 -46.86 -23.16 1.91
CA ALA B 38 -45.78 -23.48 2.84
C ALA B 38 -44.57 -22.65 2.47
N THR B 39 -43.89 -22.11 3.48
CA THR B 39 -42.72 -21.29 3.25
C THR B 39 -41.56 -22.15 2.75
N LEU B 40 -40.59 -21.49 2.10
CA LEU B 40 -39.42 -22.20 1.58
C LEU B 40 -38.64 -22.86 2.71
N SER B 41 -38.46 -22.14 3.83
CA SER B 41 -37.73 -22.67 4.97
C SER B 41 -38.46 -23.78 5.69
N GLN B 42 -39.72 -24.04 5.34
CA GLN B 42 -40.50 -25.13 5.91
C GLN B 42 -40.47 -26.40 5.08
N ILE B 43 -40.28 -26.30 3.77
CA ILE B 43 -40.24 -27.47 2.91
C ILE B 43 -38.87 -28.14 2.89
N THR B 44 -37.78 -27.37 2.88
CA THR B 44 -36.42 -27.89 2.77
C THR B 44 -35.79 -28.04 4.15
N ASN B 45 -36.61 -28.32 5.16
CA ASN B 45 -36.14 -28.51 6.51
C ASN B 45 -35.45 -29.86 6.72
N ASN B 46 -35.58 -30.77 5.75
CA ASN B 46 -34.94 -32.08 5.82
C ASN B 46 -33.64 -32.16 5.02
N ILE B 47 -33.27 -31.11 4.29
CA ILE B 47 -32.04 -31.11 3.53
C ILE B 47 -30.88 -30.81 4.48
N ASP B 48 -29.83 -31.62 4.39
CA ASP B 48 -28.70 -31.49 5.30
C ASP B 48 -27.97 -30.17 5.05
N PRO B 49 -27.44 -29.51 6.08
CA PRO B 49 -26.73 -28.25 5.89
C PRO B 49 -25.44 -28.46 5.11
N VAL B 50 -24.99 -27.37 4.47
CA VAL B 50 -23.75 -27.41 3.69
C VAL B 50 -22.51 -27.22 4.54
N GLY B 51 -22.66 -27.11 5.85
CA GLY B 51 -21.51 -26.96 6.73
C GLY B 51 -20.92 -25.56 6.71
N ARG B 52 -19.61 -25.47 6.84
CA ARG B 52 -18.90 -24.20 6.85
C ARG B 52 -18.13 -24.05 5.53
N ILE B 53 -18.40 -22.98 4.80
CA ILE B 53 -17.71 -22.71 3.55
C ILE B 53 -16.56 -21.75 3.87
N GLN B 54 -15.40 -22.33 4.17
CA GLN B 54 -14.20 -21.55 4.46
C GLN B 54 -13.48 -21.28 3.14
N MET B 55 -13.43 -20.02 2.74
CA MET B 55 -12.85 -19.61 1.48
C MET B 55 -11.61 -18.75 1.74
N ARG B 56 -10.53 -19.08 1.03
CA ARG B 56 -9.22 -18.48 1.27
C ARG B 56 -8.85 -17.57 0.12
N THR B 57 -8.21 -16.45 0.44
CA THR B 57 -7.78 -15.49 -0.58
C THR B 57 -6.66 -16.11 -1.42
N ARG B 58 -6.91 -16.27 -2.72
CA ARG B 58 -5.92 -16.83 -3.64
C ARG B 58 -5.12 -15.77 -4.36
N ARG B 59 -5.75 -14.66 -4.75
CA ARG B 59 -5.07 -13.58 -5.43
C ARG B 59 -5.43 -12.25 -4.79
N THR B 60 -4.54 -11.27 -4.92
CA THR B 60 -4.78 -9.91 -4.48
C THR B 60 -4.36 -8.98 -5.62
N LEU B 61 -5.35 -8.36 -6.26
CA LEU B 61 -5.10 -7.50 -7.41
C LEU B 61 -4.95 -6.06 -6.96
N ARG B 62 -3.74 -5.52 -7.12
CA ARG B 62 -3.44 -4.15 -6.71
C ARG B 62 -2.99 -3.34 -7.92
N GLY B 63 -3.15 -2.02 -7.82
CA GLY B 63 -2.81 -1.13 -8.91
C GLY B 63 -3.76 0.04 -9.01
N HIS B 64 -4.94 -0.10 -8.42
CA HIS B 64 -5.89 1.00 -8.36
C HIS B 64 -5.49 1.95 -7.24
N LEU B 65 -5.68 3.25 -7.48
CA LEU B 65 -5.29 4.29 -6.53
C LEU B 65 -6.49 5.06 -6.01
N ALA B 66 -7.66 4.43 -5.99
CA ALA B 66 -8.88 5.07 -5.52
C ALA B 66 -9.92 3.99 -5.23
N LYS B 67 -11.10 4.41 -4.82
CA LYS B 67 -12.17 3.48 -4.50
C LYS B 67 -12.60 2.70 -5.74
N ILE B 68 -12.88 1.41 -5.56
CA ILE B 68 -13.35 0.54 -6.63
C ILE B 68 -14.87 0.49 -6.54
N TYR B 69 -15.55 0.85 -7.64
CA TYR B 69 -16.99 0.94 -7.65
C TYR B 69 -17.70 -0.14 -8.45
N ALA B 70 -17.00 -0.82 -9.36
CA ALA B 70 -17.63 -1.84 -10.18
C ALA B 70 -16.58 -2.85 -10.64
N MET B 71 -17.06 -4.01 -11.07
CA MET B 71 -16.21 -5.09 -11.54
C MET B 71 -17.10 -6.12 -12.24
N HIS B 72 -16.59 -6.65 -13.35
CA HIS B 72 -17.32 -7.66 -14.10
C HIS B 72 -16.36 -8.76 -14.55
N TRP B 73 -16.84 -10.00 -14.53
CA TRP B 73 -16.07 -11.16 -14.95
C TRP B 73 -16.17 -11.37 -16.45
N GLY B 74 -15.07 -11.84 -17.04
CA GLY B 74 -15.09 -12.25 -18.42
C GLY B 74 -15.83 -13.56 -18.61
N THR B 75 -16.32 -13.78 -19.82
CA THR B 75 -17.06 -15.01 -20.11
C THR B 75 -16.20 -16.25 -20.03
N ASP B 76 -14.88 -16.10 -20.14
CA ASP B 76 -13.95 -17.22 -20.06
C ASP B 76 -13.43 -17.45 -18.65
N SER B 77 -13.92 -16.68 -17.67
CA SER B 77 -13.56 -16.84 -16.26
C SER B 77 -12.07 -16.63 -16.02
N ARG B 78 -11.42 -15.82 -16.85
CA ARG B 78 -10.00 -15.56 -16.67
C ARG B 78 -9.70 -14.06 -16.70
N LEU B 79 -10.52 -13.29 -17.42
CA LEU B 79 -10.29 -11.86 -17.57
C LEU B 79 -11.29 -11.07 -16.74
N LEU B 80 -10.78 -10.04 -16.08
CA LEU B 80 -11.58 -9.16 -15.23
C LEU B 80 -11.52 -7.75 -15.76
N VAL B 81 -12.43 -6.92 -15.25
CA VAL B 81 -12.46 -5.49 -15.53
C VAL B 81 -12.90 -4.78 -14.25
N SER B 82 -12.29 -3.63 -13.98
CA SER B 82 -12.59 -2.89 -12.75
C SER B 82 -12.43 -1.40 -13.00
N ALA B 83 -13.39 -0.63 -12.51
CA ALA B 83 -13.40 0.83 -12.65
C ALA B 83 -13.21 1.46 -11.27
N SER B 84 -12.51 2.60 -11.23
CA SER B 84 -12.22 3.28 -9.99
C SER B 84 -12.32 4.78 -10.17
N GLN B 85 -12.35 5.49 -9.03
CA GLN B 85 -12.42 6.95 -9.04
C GLN B 85 -11.19 7.60 -9.65
N ASP B 86 -10.07 6.88 -9.76
CA ASP B 86 -8.85 7.47 -10.31
C ASP B 86 -8.96 7.76 -11.80
N GLY B 87 -10.00 7.27 -12.47
CA GLY B 87 -10.16 7.48 -13.90
C GLY B 87 -9.51 6.44 -14.77
N LYS B 88 -9.11 5.31 -14.22
CA LYS B 88 -8.44 4.25 -14.96
C LYS B 88 -9.33 3.02 -15.05
N LEU B 89 -9.30 2.38 -16.21
CA LEU B 89 -10.04 1.15 -16.46
C LEU B 89 -9.02 0.04 -16.74
N ILE B 90 -8.91 -0.91 -15.83
CA ILE B 90 -7.88 -1.95 -15.88
C ILE B 90 -8.54 -3.29 -16.19
N ILE B 91 -7.92 -4.04 -17.09
CA ILE B 91 -8.33 -5.41 -17.41
C ILE B 91 -7.28 -6.35 -16.87
N TRP B 92 -7.68 -7.25 -15.97
CA TRP B 92 -6.76 -8.12 -15.27
C TRP B 92 -6.77 -9.53 -15.85
N ASP B 93 -5.60 -10.18 -15.79
CA ASP B 93 -5.50 -11.61 -16.01
C ASP B 93 -5.63 -12.28 -14.66
N SER B 94 -6.82 -12.84 -14.38
CA SER B 94 -7.13 -13.34 -13.05
C SER B 94 -6.26 -14.52 -12.62
N TYR B 95 -5.58 -15.18 -13.56
CA TYR B 95 -4.74 -16.32 -13.18
C TYR B 95 -3.36 -15.86 -12.74
N THR B 96 -2.67 -15.11 -13.58
CA THR B 96 -1.30 -14.68 -13.31
C THR B 96 -1.20 -13.25 -12.81
N THR B 97 -2.34 -12.59 -12.54
CA THR B 97 -2.37 -11.24 -11.97
C THR B 97 -1.62 -10.24 -12.85
N ASN B 98 -1.80 -10.34 -14.15
CA ASN B 98 -1.12 -9.44 -15.09
C ASN B 98 -2.17 -8.46 -15.58
N LYS B 99 -1.78 -7.24 -15.89
CA LYS B 99 -2.67 -6.20 -16.41
C LYS B 99 -2.64 -6.25 -17.92
N VAL B 100 -3.76 -6.61 -18.54
CA VAL B 100 -3.82 -6.72 -19.99
C VAL B 100 -4.02 -5.36 -20.62
N HIS B 101 -4.97 -4.57 -20.11
CA HIS B 101 -5.27 -3.27 -20.67
C HIS B 101 -5.42 -2.25 -19.54
N ALA B 102 -5.18 -0.99 -19.88
CA ALA B 102 -5.39 0.13 -18.97
C ALA B 102 -5.98 1.27 -19.77
N ILE B 103 -7.27 1.53 -19.57
CA ILE B 103 -8.04 2.48 -20.37
C ILE B 103 -8.27 3.73 -19.54
N PRO B 104 -7.74 4.89 -19.93
CA PRO B 104 -8.01 6.14 -19.20
C PRO B 104 -9.38 6.68 -19.57
N LEU B 105 -10.21 6.94 -18.56
CA LEU B 105 -11.54 7.45 -18.79
C LEU B 105 -11.53 8.97 -18.91
N ARG B 106 -12.60 9.51 -19.50
CA ARG B 106 -12.75 10.96 -19.59
C ARG B 106 -13.20 11.55 -18.27
N SER B 107 -14.19 10.94 -17.63
CA SER B 107 -14.70 11.40 -16.35
C SER B 107 -14.29 10.41 -15.26
N SER B 108 -13.74 10.93 -14.17
CA SER B 108 -13.26 10.11 -13.07
C SER B 108 -14.39 9.55 -12.22
N TRP B 109 -15.63 10.01 -12.42
CA TRP B 109 -16.78 9.58 -11.62
C TRP B 109 -17.51 8.46 -12.35
N VAL B 110 -17.01 7.24 -12.14
CA VAL B 110 -17.57 6.04 -12.74
C VAL B 110 -18.23 5.21 -11.64
N MET B 111 -19.48 4.82 -11.87
CA MET B 111 -20.25 4.08 -10.88
C MET B 111 -20.57 2.65 -11.29
N THR B 112 -20.44 2.32 -12.57
CA THR B 112 -20.72 0.97 -13.04
C THR B 112 -19.77 0.65 -14.19
N CYS B 113 -19.58 -0.64 -14.44
CA CYS B 113 -18.62 -0.99 -15.47
C CYS B 113 -18.81 -2.45 -15.88
N ALA B 114 -19.08 -2.69 -17.16
CA ALA B 114 -19.52 -4.00 -17.64
C ALA B 114 -18.53 -4.58 -18.64
N TYR B 115 -18.65 -5.89 -18.85
CA TYR B 115 -17.80 -6.63 -19.78
C TYR B 115 -18.67 -7.38 -20.78
N ALA B 116 -18.27 -7.32 -22.05
CA ALA B 116 -19.07 -7.94 -23.10
C ALA B 116 -19.01 -9.46 -23.01
N PRO B 117 -20.09 -10.15 -23.40
CA PRO B 117 -20.08 -11.62 -23.39
C PRO B 117 -19.13 -12.22 -24.41
N SER B 118 -18.71 -11.47 -25.42
CA SER B 118 -17.79 -11.98 -26.43
C SER B 118 -16.35 -11.56 -26.19
N GLY B 119 -16.10 -10.65 -25.24
CA GLY B 119 -14.77 -10.18 -24.95
C GLY B 119 -14.25 -9.11 -25.90
N ASN B 120 -15.05 -8.67 -26.85
CA ASN B 120 -14.60 -7.69 -27.84
C ASN B 120 -14.72 -6.26 -27.34
N TYR B 121 -15.77 -5.95 -26.58
CA TYR B 121 -16.04 -4.59 -26.15
C TYR B 121 -16.06 -4.51 -24.62
N VAL B 122 -16.06 -3.27 -24.14
CA VAL B 122 -16.23 -2.99 -22.71
C VAL B 122 -16.96 -1.67 -22.54
N ALA B 123 -18.13 -1.72 -21.92
CA ALA B 123 -18.91 -0.52 -21.62
C ALA B 123 -18.78 -0.19 -20.15
N CYS B 124 -18.51 1.08 -19.85
CA CYS B 124 -18.09 1.42 -18.50
C CYS B 124 -18.33 2.90 -18.28
N GLY B 125 -19.33 3.25 -17.47
CA GLY B 125 -19.80 4.60 -17.34
C GLY B 125 -20.25 4.93 -15.92
N GLY B 126 -20.72 6.16 -15.72
CA GLY B 126 -21.02 6.64 -14.40
C GLY B 126 -21.75 7.96 -14.32
N LEU B 127 -21.29 8.85 -13.42
CA LEU B 127 -21.97 10.10 -13.11
C LEU B 127 -22.04 11.06 -14.30
N ASP B 128 -21.29 10.82 -15.37
CA ASP B 128 -21.30 11.70 -16.52
C ASP B 128 -22.53 11.52 -17.40
N ASN B 129 -23.49 10.69 -16.99
CA ASN B 129 -24.75 10.48 -17.69
C ASN B 129 -24.56 9.86 -19.07
N ILE B 130 -23.37 9.32 -19.34
CA ILE B 130 -23.02 8.79 -20.65
C ILE B 130 -22.45 7.39 -20.47
N CYS B 131 -22.91 6.46 -21.30
CA CYS B 131 -22.41 5.09 -21.31
C CYS B 131 -21.36 4.98 -22.41
N SER B 132 -20.09 4.99 -22.01
CA SER B 132 -19.00 4.90 -22.98
C SER B 132 -18.65 3.44 -23.25
N ILE B 133 -18.52 3.10 -24.54
CA ILE B 133 -18.23 1.75 -24.97
C ILE B 133 -16.88 1.75 -25.67
N TYR B 134 -15.98 0.87 -25.24
CA TYR B 134 -14.62 0.82 -25.73
C TYR B 134 -14.40 -0.47 -26.49
N ASN B 135 -13.63 -0.39 -27.58
CA ASN B 135 -13.31 -1.54 -28.42
C ASN B 135 -11.91 -2.03 -28.08
N LEU B 136 -11.80 -3.32 -27.74
CA LEU B 136 -10.51 -3.89 -27.34
C LEU B 136 -9.75 -4.50 -28.52
N LYS B 137 -10.46 -5.16 -29.43
CA LYS B 137 -9.81 -5.83 -30.56
C LYS B 137 -9.77 -4.89 -31.77
N THR B 138 -8.91 -3.88 -31.66
CA THR B 138 -8.72 -2.92 -32.73
C THR B 138 -7.45 -3.25 -33.51
N ARG B 139 -7.44 -2.84 -34.78
CA ARG B 139 -6.31 -3.10 -35.67
C ARG B 139 -5.12 -2.19 -35.39
N GLU B 140 -5.32 -1.08 -34.68
CA GLU B 140 -4.26 -0.14 -34.38
C GLU B 140 -3.50 -0.49 -33.10
N GLY B 141 -3.95 -1.50 -32.36
CA GLY B 141 -3.27 -1.95 -31.16
C GLY B 141 -3.66 -1.26 -29.88
N ASN B 142 -4.50 -0.22 -29.95
CA ASN B 142 -4.94 0.51 -28.78
C ASN B 142 -6.44 0.35 -28.58
N VAL B 143 -6.91 0.82 -27.44
CA VAL B 143 -8.33 0.76 -27.08
C VAL B 143 -8.94 2.12 -27.34
N ARG B 144 -9.98 2.17 -28.17
CA ARG B 144 -10.63 3.40 -28.58
C ARG B 144 -12.08 3.42 -28.11
N VAL B 145 -12.62 4.62 -27.95
CA VAL B 145 -14.01 4.81 -27.56
C VAL B 145 -14.86 4.63 -28.81
N SER B 146 -15.49 3.47 -28.95
CA SER B 146 -16.28 3.19 -30.15
C SER B 146 -17.52 4.08 -30.22
N ARG B 147 -18.29 4.13 -29.13
CA ARG B 147 -19.53 4.90 -29.10
C ARG B 147 -19.76 5.45 -27.69
N GLU B 148 -20.30 6.65 -27.61
CA GLU B 148 -20.72 7.25 -26.35
C GLU B 148 -22.23 7.44 -26.40
N LEU B 149 -22.95 6.70 -25.56
CA LEU B 149 -24.41 6.75 -25.56
C LEU B 149 -24.90 7.85 -24.61
N ALA B 150 -25.77 8.72 -25.12
CA ALA B 150 -26.31 9.81 -24.35
C ALA B 150 -27.83 9.83 -24.47
N GLY B 151 -28.48 10.42 -23.47
CA GLY B 151 -29.94 10.46 -23.43
C GLY B 151 -30.51 10.28 -22.05
N HIS B 152 -29.64 10.07 -21.06
CA HIS B 152 -30.04 9.94 -19.67
C HIS B 152 -29.75 11.23 -18.92
N THR B 153 -30.72 11.67 -18.10
CA THR B 153 -30.59 12.89 -17.33
C THR B 153 -30.16 12.62 -15.88
N GLY B 154 -29.75 11.40 -15.58
CA GLY B 154 -29.30 11.06 -14.24
C GLY B 154 -28.12 10.13 -14.30
N TYR B 155 -27.48 9.95 -13.13
CA TYR B 155 -26.30 9.10 -13.03
C TYR B 155 -26.60 7.68 -13.49
N LEU B 156 -25.62 7.03 -14.08
CA LEU B 156 -25.79 5.73 -14.71
C LEU B 156 -25.32 4.62 -13.78
N SER B 157 -25.97 3.46 -13.88
CA SER B 157 -25.63 2.33 -13.04
C SER B 157 -26.01 1.03 -13.73
N CYS B 158 -25.19 0.01 -13.51
CA CYS B 158 -25.44 -1.36 -13.95
C CYS B 158 -25.69 -1.44 -15.46
N CYS B 159 -24.64 -1.11 -16.21
CA CYS B 159 -24.62 -1.46 -17.63
C CYS B 159 -24.54 -2.97 -17.78
N ARG B 160 -25.26 -3.51 -18.77
CA ARG B 160 -25.23 -4.95 -19.03
C ARG B 160 -25.34 -5.18 -20.51
N PHE B 161 -24.35 -5.87 -21.08
CA PHE B 161 -24.36 -6.19 -22.50
C PHE B 161 -25.33 -7.33 -22.79
N LEU B 162 -26.15 -7.15 -23.81
CA LEU B 162 -26.95 -8.24 -24.37
C LEU B 162 -26.20 -8.97 -25.47
N ASP B 163 -25.71 -8.23 -26.46
CA ASP B 163 -24.88 -8.77 -27.53
C ASP B 163 -23.75 -7.78 -27.76
N ASP B 164 -23.04 -7.93 -28.89
CA ASP B 164 -22.01 -6.97 -29.25
C ASP B 164 -22.58 -5.66 -29.77
N ASN B 165 -23.89 -5.58 -30.00
CA ASN B 165 -24.52 -4.39 -30.56
C ASN B 165 -25.83 -4.07 -29.84
N GLN B 166 -25.93 -4.40 -28.56
CA GLN B 166 -27.16 -4.19 -27.81
C GLN B 166 -26.84 -4.23 -26.32
N ILE B 167 -27.21 -3.17 -25.60
CA ILE B 167 -26.87 -3.02 -24.19
C ILE B 167 -28.05 -2.40 -23.45
N VAL B 168 -28.26 -2.84 -22.21
CA VAL B 168 -29.28 -2.30 -21.31
C VAL B 168 -28.58 -1.49 -20.23
N THR B 169 -29.10 -0.30 -19.95
CA THR B 169 -28.52 0.60 -18.96
C THR B 169 -29.59 1.05 -17.98
N SER B 170 -29.15 1.45 -16.79
CA SER B 170 -30.01 1.96 -15.73
C SER B 170 -29.49 3.31 -15.25
N SER B 171 -30.42 4.20 -14.89
CA SER B 171 -30.07 5.54 -14.47
C SER B 171 -30.93 5.96 -13.29
N GLY B 172 -30.64 7.15 -12.77
CA GLY B 172 -31.40 7.76 -11.71
C GLY B 172 -32.66 8.47 -12.14
N ASP B 173 -32.99 8.39 -13.43
CA ASP B 173 -34.21 8.99 -13.97
C ASP B 173 -35.45 8.15 -13.68
N THR B 174 -35.36 7.19 -12.75
CA THR B 174 -36.42 6.25 -12.44
C THR B 174 -36.81 5.39 -13.63
N THR B 175 -35.90 5.22 -14.59
CA THR B 175 -36.17 4.47 -15.80
C THR B 175 -34.90 3.78 -16.28
N CYS B 176 -35.07 2.70 -17.03
CA CYS B 176 -33.98 2.02 -17.70
C CYS B 176 -34.18 2.10 -19.21
N ALA B 177 -33.10 1.86 -19.94
CA ALA B 177 -33.10 2.04 -21.38
C ALA B 177 -32.45 0.86 -22.07
N LEU B 178 -32.90 0.59 -23.29
CA LEU B 178 -32.32 -0.42 -24.16
C LEU B 178 -31.72 0.29 -25.37
N TRP B 179 -30.44 0.07 -25.62
CA TRP B 179 -29.69 0.83 -26.60
C TRP B 179 -29.31 -0.03 -27.79
N ASP B 180 -28.99 0.65 -28.89
CA ASP B 180 -28.41 0.02 -30.09
C ASP B 180 -27.07 0.70 -30.35
N ILE B 181 -25.99 -0.05 -30.16
CA ILE B 181 -24.66 0.54 -30.19
C ILE B 181 -24.31 1.06 -31.58
N GLU B 182 -24.76 0.35 -32.62
CA GLU B 182 -24.44 0.75 -33.98
C GLU B 182 -25.00 2.13 -34.31
N THR B 183 -26.32 2.27 -34.27
CA THR B 183 -26.93 3.56 -34.57
C THR B 183 -26.68 4.57 -33.47
N GLY B 184 -26.78 4.14 -32.22
CA GLY B 184 -26.62 5.01 -31.08
C GLY B 184 -27.90 5.57 -30.49
N GLN B 185 -29.05 5.13 -30.96
CA GLN B 185 -30.34 5.63 -30.51
C GLN B 185 -30.94 4.70 -29.46
N GLN B 186 -31.74 5.27 -28.58
CA GLN B 186 -32.40 4.51 -27.51
C GLN B 186 -33.57 3.75 -28.11
N THR B 187 -33.39 2.46 -28.34
CA THR B 187 -34.42 1.65 -28.99
C THR B 187 -35.67 1.55 -28.12
N THR B 188 -35.49 1.23 -26.84
CA THR B 188 -36.61 1.04 -25.93
C THR B 188 -36.32 1.74 -24.61
N THR B 189 -37.37 2.27 -24.00
CA THR B 189 -37.29 2.90 -22.68
C THR B 189 -38.30 2.25 -21.76
N PHE B 190 -37.86 1.85 -20.58
CA PHE B 190 -38.69 1.17 -19.60
C PHE B 190 -38.97 2.12 -18.44
N THR B 191 -40.24 2.44 -18.23
CA THR B 191 -40.66 3.36 -17.18
C THR B 191 -41.61 2.65 -16.21
N GLY B 192 -41.73 3.23 -15.03
CA GLY B 192 -42.62 2.69 -14.01
C GLY B 192 -42.12 2.83 -12.59
N HIS B 193 -40.80 3.02 -12.44
CA HIS B 193 -40.24 3.21 -11.11
C HIS B 193 -40.53 4.62 -10.61
N THR B 194 -40.57 4.75 -9.28
CA THR B 194 -40.80 6.03 -8.61
C THR B 194 -39.58 6.44 -7.78
N GLY B 195 -38.39 6.05 -8.23
CA GLY B 195 -37.18 6.38 -7.52
C GLY B 195 -35.98 5.95 -8.35
N ASP B 196 -34.81 6.38 -7.90
CA ASP B 196 -33.58 6.08 -8.63
C ASP B 196 -33.38 4.57 -8.72
N VAL B 197 -33.08 4.09 -9.92
CA VAL B 197 -32.86 2.66 -10.16
C VAL B 197 -31.38 2.38 -9.96
N MET B 198 -31.06 1.54 -8.98
CA MET B 198 -29.69 1.34 -8.56
C MET B 198 -29.02 0.12 -9.17
N SER B 199 -29.78 -0.84 -9.69
CA SER B 199 -29.16 -2.05 -10.20
C SER B 199 -30.11 -2.75 -11.17
N LEU B 200 -29.52 -3.59 -12.02
CA LEU B 200 -30.27 -4.50 -12.87
C LEU B 200 -29.41 -5.72 -13.16
N SER B 201 -30.06 -6.81 -13.52
CA SER B 201 -29.38 -8.05 -13.87
C SER B 201 -30.10 -8.71 -15.03
N LEU B 202 -29.35 -9.31 -15.94
CA LEU B 202 -29.92 -9.93 -17.12
C LEU B 202 -30.12 -11.43 -16.88
N ALA B 203 -31.27 -11.93 -17.29
CA ALA B 203 -31.59 -13.34 -17.11
C ALA B 203 -30.73 -14.20 -18.02
N PRO B 204 -30.50 -15.46 -17.65
CA PRO B 204 -29.71 -16.36 -18.52
C PRO B 204 -30.29 -16.52 -19.91
N ASP B 205 -31.62 -16.53 -20.05
CA ASP B 205 -32.24 -16.65 -21.36
C ASP B 205 -32.27 -15.33 -22.12
N THR B 206 -31.58 -14.30 -21.62
CA THR B 206 -31.36 -13.02 -22.30
C THR B 206 -32.63 -12.44 -22.92
N ARG B 207 -33.78 -12.74 -22.33
CA ARG B 207 -35.06 -12.21 -22.80
C ARG B 207 -35.82 -11.44 -21.73
N LEU B 208 -35.35 -11.47 -20.48
CA LEU B 208 -35.98 -10.73 -19.39
C LEU B 208 -34.90 -10.20 -18.47
N PHE B 209 -35.27 -9.20 -17.68
CA PHE B 209 -34.35 -8.65 -16.69
C PHE B 209 -35.15 -7.97 -15.60
N VAL B 210 -34.53 -7.82 -14.44
CA VAL B 210 -35.15 -7.21 -13.26
C VAL B 210 -34.28 -6.04 -12.82
N SER B 211 -34.92 -4.96 -12.40
CA SER B 211 -34.23 -3.75 -11.96
C SER B 211 -34.68 -3.38 -10.56
N GLY B 212 -33.72 -3.13 -9.68
CA GLY B 212 -34.00 -2.69 -8.32
C GLY B 212 -33.79 -1.20 -8.21
N ALA B 213 -34.80 -0.52 -7.66
CA ALA B 213 -34.81 0.94 -7.58
C ALA B 213 -34.85 1.37 -6.12
N CYS B 214 -34.90 2.68 -5.93
CA CYS B 214 -34.89 3.29 -4.60
C CYS B 214 -36.28 3.33 -3.95
N ASP B 215 -37.33 2.95 -4.68
CA ASP B 215 -38.68 2.92 -4.14
C ASP B 215 -38.99 1.62 -3.41
N ALA B 216 -37.96 0.87 -3.01
CA ALA B 216 -38.11 -0.39 -2.29
C ALA B 216 -38.96 -1.38 -3.08
N SER B 217 -38.75 -1.43 -4.39
CA SER B 217 -39.48 -2.34 -5.25
C SER B 217 -38.60 -2.74 -6.43
N ALA B 218 -38.65 -4.02 -6.76
CA ALA B 218 -37.99 -4.57 -7.95
C ALA B 218 -39.05 -5.19 -8.85
N LYS B 219 -39.02 -4.84 -10.12
CA LYS B 219 -40.06 -5.24 -11.06
C LYS B 219 -39.45 -5.86 -12.30
N LEU B 220 -40.08 -6.93 -12.77
CA LEU B 220 -39.59 -7.70 -13.91
C LEU B 220 -40.02 -7.04 -15.21
N TRP B 221 -39.08 -6.86 -16.14
CA TRP B 221 -39.30 -6.17 -17.40
C TRP B 221 -38.98 -7.08 -18.57
N ASP B 222 -39.67 -6.84 -19.69
CA ASP B 222 -39.48 -7.59 -20.92
C ASP B 222 -38.66 -6.74 -21.89
N VAL B 223 -37.55 -7.30 -22.37
CA VAL B 223 -36.68 -6.56 -23.28
C VAL B 223 -37.29 -6.40 -24.67
N ARG B 224 -38.12 -7.35 -25.11
CA ARG B 224 -38.69 -7.29 -26.45
C ARG B 224 -39.91 -6.38 -26.53
N GLU B 225 -40.76 -6.39 -25.50
CA GLU B 225 -41.99 -5.61 -25.51
C GLU B 225 -41.93 -4.35 -24.68
N GLY B 226 -40.97 -4.22 -23.78
CA GLY B 226 -40.92 -3.06 -22.90
C GLY B 226 -42.09 -2.98 -21.95
N MET B 227 -42.48 -4.11 -21.36
CA MET B 227 -43.66 -4.19 -20.50
C MET B 227 -43.25 -4.67 -19.12
N CYS B 228 -43.76 -3.99 -18.09
CA CYS B 228 -43.54 -4.41 -16.70
C CYS B 228 -44.44 -5.60 -16.41
N ARG B 229 -43.88 -6.80 -16.61
CA ARG B 229 -44.67 -8.02 -16.46
C ARG B 229 -45.13 -8.22 -15.02
N GLN B 230 -44.25 -7.96 -14.06
CA GLN B 230 -44.58 -8.17 -12.65
C GLN B 230 -43.73 -7.25 -11.79
N THR B 231 -44.23 -6.96 -10.59
CA THR B 231 -43.52 -6.14 -9.62
C THR B 231 -43.43 -6.90 -8.30
N PHE B 232 -42.37 -6.62 -7.55
CA PHE B 232 -42.08 -7.34 -6.30
C PHE B 232 -41.82 -6.32 -5.21
N THR B 233 -42.44 -6.53 -4.04
CA THR B 233 -42.31 -5.64 -2.91
C THR B 233 -41.92 -6.43 -1.67
N GLY B 234 -41.66 -5.72 -0.59
CA GLY B 234 -41.32 -6.35 0.67
C GLY B 234 -40.20 -5.67 1.44
N HIS B 235 -39.28 -5.05 0.71
CA HIS B 235 -38.17 -4.36 1.34
C HIS B 235 -38.64 -3.09 2.03
N GLU B 236 -37.95 -2.72 3.11
CA GLU B 236 -38.26 -1.50 3.84
C GLU B 236 -37.43 -0.30 3.38
N SER B 237 -36.30 -0.52 2.74
CA SER B 237 -35.46 0.57 2.25
C SER B 237 -35.14 0.39 0.78
N ASP B 238 -34.27 1.24 0.24
CA ASP B 238 -33.94 1.18 -1.18
C ASP B 238 -33.16 -0.08 -1.51
N ILE B 239 -33.47 -0.67 -2.66
CA ILE B 239 -32.77 -1.87 -3.11
C ILE B 239 -31.46 -1.45 -3.77
N ASN B 240 -30.37 -2.11 -3.38
CA ASN B 240 -29.04 -1.72 -3.81
C ASN B 240 -28.41 -2.68 -4.82
N ALA B 241 -28.86 -3.93 -4.86
CA ALA B 241 -28.29 -4.92 -5.77
C ALA B 241 -29.34 -5.98 -6.09
N ILE B 242 -29.09 -6.71 -7.17
CA ILE B 242 -30.04 -7.74 -7.63
C ILE B 242 -29.27 -8.74 -8.49
N CYS B 243 -29.72 -9.99 -8.47
CA CYS B 243 -29.12 -11.05 -9.26
C CYS B 243 -30.09 -12.22 -9.35
N PHE B 244 -30.17 -12.83 -10.53
CA PHE B 244 -31.05 -13.96 -10.76
C PHE B 244 -30.52 -15.24 -10.14
N PHE B 245 -31.44 -16.15 -9.83
CA PHE B 245 -31.07 -17.54 -9.58
C PHE B 245 -30.53 -18.13 -10.88
N PRO B 246 -29.61 -19.09 -10.81
CA PRO B 246 -28.98 -19.59 -12.05
C PRO B 246 -29.94 -20.13 -13.09
N ASN B 247 -31.11 -20.63 -12.69
CA ASN B 247 -32.07 -21.17 -13.65
C ASN B 247 -32.96 -20.11 -14.27
N GLY B 248 -32.81 -18.85 -13.85
CA GLY B 248 -33.65 -17.77 -14.36
C GLY B 248 -35.11 -17.88 -13.98
N ASN B 249 -35.40 -18.37 -12.78
CA ASN B 249 -36.76 -18.43 -12.27
C ASN B 249 -36.92 -17.73 -10.93
N ALA B 250 -35.85 -17.14 -10.40
CA ALA B 250 -35.90 -16.42 -9.14
C ALA B 250 -34.73 -15.46 -9.09
N PHE B 251 -34.80 -14.50 -8.17
CA PHE B 251 -33.71 -13.54 -8.01
C PHE B 251 -33.63 -13.11 -6.55
N ALA B 252 -32.46 -12.59 -6.19
CA ALA B 252 -32.20 -12.13 -4.84
C ALA B 252 -31.80 -10.67 -4.86
N THR B 253 -32.26 -9.91 -3.86
CA THR B 253 -32.03 -8.48 -3.78
C THR B 253 -31.30 -8.14 -2.49
N GLY B 254 -30.57 -7.03 -2.54
CA GLY B 254 -29.91 -6.50 -1.35
C GLY B 254 -30.26 -5.04 -1.15
N SER B 255 -30.65 -4.68 0.06
CA SER B 255 -31.15 -3.35 0.36
C SER B 255 -30.35 -2.71 1.48
N ASP B 256 -30.61 -1.43 1.72
CA ASP B 256 -30.05 -0.73 2.88
C ASP B 256 -30.70 -1.18 4.18
N ASP B 257 -31.78 -1.97 4.11
CA ASP B 257 -32.46 -2.52 5.27
C ASP B 257 -31.65 -3.62 5.94
N ALA B 258 -30.44 -3.92 5.45
CA ALA B 258 -29.59 -4.99 5.98
C ALA B 258 -30.27 -6.34 5.88
N THR B 259 -31.13 -6.52 4.87
CA THR B 259 -31.84 -7.77 4.65
C THR B 259 -31.71 -8.17 3.18
N CYS B 260 -31.62 -9.47 2.94
CA CYS B 260 -31.65 -10.04 1.60
C CYS B 260 -32.91 -10.89 1.46
N ARG B 261 -33.49 -10.86 0.27
CA ARG B 261 -34.76 -11.53 0.02
C ARG B 261 -34.70 -12.26 -1.31
N LEU B 262 -35.44 -13.36 -1.39
CA LEU B 262 -35.49 -14.21 -2.59
C LEU B 262 -36.91 -14.22 -3.11
N PHE B 263 -37.10 -13.68 -4.32
CA PHE B 263 -38.40 -13.59 -4.96
C PHE B 263 -38.49 -14.58 -6.12
N ASP B 264 -39.66 -15.20 -6.27
CA ASP B 264 -39.91 -16.17 -7.32
C ASP B 264 -40.76 -15.53 -8.41
N LEU B 265 -40.31 -15.63 -9.66
CA LEU B 265 -41.03 -15.04 -10.77
C LEU B 265 -42.38 -15.70 -11.01
N ARG B 266 -42.46 -17.02 -10.85
CA ARG B 266 -43.70 -17.74 -11.10
C ARG B 266 -44.74 -17.56 -9.99
N ALA B 267 -44.28 -17.53 -8.73
CA ALA B 267 -45.20 -17.37 -7.61
C ALA B 267 -45.49 -15.91 -7.28
N ASP B 268 -44.68 -14.97 -7.79
CA ASP B 268 -44.82 -13.54 -7.54
C ASP B 268 -44.75 -13.18 -6.06
N GLN B 269 -44.13 -14.02 -5.23
CA GLN B 269 -44.02 -13.78 -3.81
C GLN B 269 -42.61 -14.12 -3.34
N GLU B 270 -42.13 -13.38 -2.35
CA GLU B 270 -40.83 -13.66 -1.77
C GLU B 270 -40.86 -15.02 -1.08
N LEU B 271 -39.73 -15.73 -1.12
CA LEU B 271 -39.66 -17.07 -0.55
C LEU B 271 -39.11 -17.06 0.87
N MET B 272 -37.99 -16.38 1.10
CA MET B 272 -37.42 -16.31 2.45
C MET B 272 -36.53 -15.08 2.54
N THR B 273 -36.21 -14.71 3.77
CA THR B 273 -35.37 -13.56 4.07
C THR B 273 -34.04 -14.03 4.67
N TYR B 274 -33.01 -13.21 4.50
CA TYR B 274 -31.65 -13.55 4.90
C TYR B 274 -31.12 -12.51 5.88
N SER B 275 -31.93 -12.21 6.89
CA SER B 275 -31.59 -11.23 7.90
C SER B 275 -30.95 -11.91 9.10
N HIS B 276 -29.92 -11.27 9.66
CA HIS B 276 -29.27 -11.73 10.87
C HIS B 276 -29.27 -10.60 11.88
N ASP B 277 -29.42 -10.95 13.16
CA ASP B 277 -29.56 -9.93 14.20
C ASP B 277 -28.28 -9.11 14.36
N ASN B 278 -27.13 -9.69 14.03
CA ASN B 278 -25.86 -8.98 14.18
C ASN B 278 -25.57 -8.03 13.04
N ILE B 279 -26.35 -8.06 11.97
CA ILE B 279 -26.12 -7.23 10.79
C ILE B 279 -26.85 -5.90 10.99
N ILE B 280 -26.13 -4.80 10.82
CA ILE B 280 -26.70 -3.47 10.95
C ILE B 280 -26.71 -2.73 9.61
N CYS B 281 -25.59 -2.77 8.89
CA CYS B 281 -25.44 -2.03 7.65
C CYS B 281 -26.07 -2.79 6.48
N GLY B 282 -26.44 -2.04 5.43
CA GLY B 282 -27.11 -2.61 4.29
C GLY B 282 -26.19 -3.33 3.34
N ILE B 283 -26.80 -4.11 2.44
CA ILE B 283 -26.10 -4.90 1.45
C ILE B 283 -25.73 -4.02 0.27
N THR B 284 -24.53 -4.21 -0.25
CA THR B 284 -24.06 -3.48 -1.44
C THR B 284 -24.12 -4.31 -2.71
N SER B 285 -23.75 -5.59 -2.66
CA SER B 285 -23.74 -6.44 -3.84
C SER B 285 -24.37 -7.79 -3.52
N VAL B 286 -24.92 -8.41 -4.55
CA VAL B 286 -25.57 -9.71 -4.41
C VAL B 286 -25.11 -10.60 -5.57
N SER B 287 -24.74 -11.83 -5.26
CA SER B 287 -24.30 -12.77 -6.28
C SER B 287 -24.67 -14.18 -5.86
N PHE B 288 -24.75 -15.07 -6.85
CA PHE B 288 -25.10 -16.46 -6.64
C PHE B 288 -23.95 -17.36 -7.07
N SER B 289 -23.96 -18.59 -6.57
CA SER B 289 -23.01 -19.59 -7.00
C SER B 289 -23.50 -20.28 -8.27
N LYS B 290 -22.65 -21.14 -8.85
CA LYS B 290 -23.02 -21.85 -10.06
C LYS B 290 -24.17 -22.82 -9.82
N SER B 291 -24.27 -23.34 -8.60
CA SER B 291 -25.33 -24.30 -8.27
C SER B 291 -26.62 -23.64 -7.82
N GLY B 292 -26.54 -22.44 -7.24
CA GLY B 292 -27.73 -21.80 -6.70
C GLY B 292 -27.99 -22.20 -5.26
N ARG B 293 -26.94 -22.31 -4.49
CA ARG B 293 -27.06 -22.69 -3.08
C ARG B 293 -26.42 -21.69 -2.13
N LEU B 294 -25.29 -21.10 -2.51
CA LEU B 294 -24.60 -20.10 -1.71
C LEU B 294 -24.92 -18.73 -2.29
N LEU B 295 -25.54 -17.88 -1.47
CA LEU B 295 -25.88 -16.51 -1.87
C LEU B 295 -24.86 -15.58 -1.23
N LEU B 296 -23.89 -15.14 -2.00
CA LEU B 296 -22.88 -14.22 -1.50
C LEU B 296 -23.39 -12.79 -1.55
N ALA B 297 -23.13 -12.05 -0.48
CA ALA B 297 -23.60 -10.68 -0.36
C ALA B 297 -22.52 -9.82 0.30
N GLY B 298 -22.27 -8.65 -0.28
CA GLY B 298 -21.32 -7.71 0.27
C GLY B 298 -22.02 -6.70 1.15
N TYR B 299 -21.40 -6.39 2.29
CA TYR B 299 -21.99 -5.51 3.28
C TYR B 299 -21.10 -4.29 3.48
N ASP B 300 -21.66 -3.27 4.15
CA ASP B 300 -20.93 -2.04 4.38
C ASP B 300 -19.97 -2.14 5.55
N ASP B 301 -20.03 -3.22 6.34
CA ASP B 301 -19.12 -3.40 7.47
C ASP B 301 -17.85 -4.15 7.08
N PHE B 302 -17.43 -4.03 5.81
CA PHE B 302 -16.11 -4.42 5.30
C PHE B 302 -15.96 -5.91 5.05
N ASN B 303 -16.98 -6.73 5.32
CA ASN B 303 -16.88 -8.17 5.15
C ASN B 303 -18.08 -8.70 4.40
N CYS B 304 -17.86 -9.76 3.63
CA CYS B 304 -18.92 -10.43 2.89
C CYS B 304 -19.35 -11.69 3.64
N ASN B 305 -20.65 -12.00 3.56
CA ASN B 305 -21.22 -13.17 4.18
C ASN B 305 -21.73 -14.14 3.12
N VAL B 306 -21.62 -15.43 3.40
CA VAL B 306 -22.11 -16.48 2.53
C VAL B 306 -23.37 -17.06 3.16
N TRP B 307 -24.49 -16.95 2.46
CA TRP B 307 -25.77 -17.43 2.96
C TRP B 307 -26.18 -18.69 2.20
N ASP B 308 -26.57 -19.71 2.96
CA ASP B 308 -27.16 -20.92 2.37
C ASP B 308 -28.55 -20.53 1.89
N ALA B 309 -28.72 -20.44 0.57
CA ALA B 309 -29.90 -19.83 -0.02
C ALA B 309 -31.18 -20.62 0.24
N LEU B 310 -31.05 -21.82 0.81
CA LEU B 310 -32.21 -22.65 1.12
C LEU B 310 -32.59 -22.68 2.59
N LYS B 311 -31.66 -22.39 3.50
CA LYS B 311 -31.94 -22.43 4.92
C LYS B 311 -31.65 -21.13 5.64
N ALA B 312 -31.19 -20.10 4.93
CA ALA B 312 -30.89 -18.79 5.51
C ALA B 312 -29.90 -18.90 6.68
N ASP B 313 -28.91 -19.76 6.51
CA ASP B 313 -27.87 -19.97 7.52
C ASP B 313 -26.55 -19.41 7.00
N ARG B 314 -25.86 -18.65 7.84
CA ARG B 314 -24.57 -18.10 7.45
C ARG B 314 -23.53 -19.19 7.33
N ALA B 315 -23.21 -19.57 6.10
CA ALA B 315 -22.24 -20.64 5.85
C ALA B 315 -20.83 -20.08 5.63
N GLY B 316 -20.36 -19.27 6.58
CA GLY B 316 -19.02 -18.73 6.54
C GLY B 316 -19.01 -17.25 6.21
N VAL B 317 -17.85 -16.65 6.44
CA VAL B 317 -17.64 -15.22 6.19
C VAL B 317 -16.30 -15.05 5.50
N LEU B 318 -16.28 -14.20 4.47
CA LEU B 318 -15.06 -13.94 3.71
C LEU B 318 -14.11 -13.00 4.44
N ALA B 319 -14.59 -11.84 4.87
CA ALA B 319 -13.78 -10.86 5.59
C ALA B 319 -12.57 -10.44 4.76
N GLY B 320 -11.51 -10.00 5.42
CA GLY B 320 -10.27 -9.65 4.75
C GLY B 320 -10.13 -8.22 4.27
N HIS B 321 -11.19 -7.67 3.70
CA HIS B 321 -11.13 -6.32 3.16
C HIS B 321 -11.08 -5.28 4.28
N ASP B 322 -10.52 -4.12 3.95
CA ASP B 322 -10.36 -3.04 4.93
C ASP B 322 -11.47 -1.99 4.86
N ASN B 323 -12.13 -1.85 3.71
CA ASN B 323 -13.20 -0.86 3.58
C ASN B 323 -14.46 -1.50 3.00
N ARG B 324 -15.46 -0.68 2.69
CA ARG B 324 -16.73 -1.19 2.21
C ARG B 324 -16.56 -1.98 0.93
N VAL B 325 -17.15 -3.17 0.88
CA VAL B 325 -17.13 -4.01 -0.31
C VAL B 325 -18.19 -3.48 -1.27
N SER B 326 -17.76 -3.02 -2.44
CA SER B 326 -18.65 -2.34 -3.37
C SER B 326 -19.10 -3.19 -4.54
N CYS B 327 -18.46 -4.33 -4.79
CA CYS B 327 -18.81 -5.15 -5.94
C CYS B 327 -18.47 -6.61 -5.66
N LEU B 328 -19.29 -7.51 -6.19
CA LEU B 328 -19.09 -8.94 -6.09
C LEU B 328 -19.11 -9.55 -7.48
N GLY B 329 -18.45 -10.70 -7.61
CA GLY B 329 -18.41 -11.39 -8.88
C GLY B 329 -18.05 -12.86 -8.76
N VAL B 330 -18.84 -13.72 -9.41
CA VAL B 330 -18.60 -15.15 -9.44
C VAL B 330 -18.39 -15.57 -10.89
N THR B 331 -17.35 -16.35 -11.14
CA THR B 331 -17.02 -16.77 -12.49
C THR B 331 -18.14 -17.62 -13.07
N ASP B 332 -18.14 -17.74 -14.41
CA ASP B 332 -19.15 -18.53 -15.08
C ASP B 332 -19.07 -20.00 -14.69
N ASP B 333 -17.85 -20.53 -14.58
CA ASP B 333 -17.65 -21.90 -14.15
C ASP B 333 -17.74 -22.06 -12.63
N GLY B 334 -17.86 -20.97 -11.89
CA GLY B 334 -18.00 -21.03 -10.45
C GLY B 334 -16.73 -21.38 -9.71
N MET B 335 -15.57 -21.21 -10.33
CA MET B 335 -14.31 -21.61 -9.71
C MET B 335 -13.85 -20.63 -8.64
N ALA B 336 -14.22 -19.35 -8.73
CA ALA B 336 -13.69 -18.35 -7.81
C ALA B 336 -14.71 -17.23 -7.64
N VAL B 337 -14.48 -16.42 -6.61
CA VAL B 337 -15.30 -15.25 -6.32
C VAL B 337 -14.37 -14.05 -6.20
N ALA B 338 -14.68 -12.98 -6.93
CA ALA B 338 -13.91 -11.75 -6.89
C ALA B 338 -14.66 -10.68 -6.14
N THR B 339 -13.95 -9.98 -5.25
CA THR B 339 -14.53 -8.91 -4.45
C THR B 339 -13.71 -7.64 -4.61
N GLY B 340 -14.40 -6.52 -4.67
CA GLY B 340 -13.75 -5.23 -4.72
C GLY B 340 -14.28 -4.32 -3.64
N SER B 341 -13.41 -3.42 -3.16
CA SER B 341 -13.74 -2.56 -2.05
C SER B 341 -13.15 -1.17 -2.29
N TRP B 342 -13.45 -0.26 -1.37
CA TRP B 342 -13.00 1.12 -1.45
C TRP B 342 -11.54 1.29 -1.06
N ASP B 343 -10.89 0.23 -0.58
CA ASP B 343 -9.47 0.29 -0.23
C ASP B 343 -8.56 0.07 -1.43
N SER B 344 -9.11 0.05 -2.64
CA SER B 344 -8.34 -0.06 -3.89
C SER B 344 -7.64 -1.41 -4.01
N PHE B 345 -8.35 -2.49 -3.66
CA PHE B 345 -7.82 -3.84 -3.78
C PHE B 345 -8.92 -4.77 -4.26
N LEU B 346 -8.57 -5.66 -5.19
CA LEU B 346 -9.43 -6.76 -5.59
C LEU B 346 -8.87 -8.06 -5.04
N LYS B 347 -9.73 -8.88 -4.45
CA LYS B 347 -9.32 -10.15 -3.87
C LYS B 347 -10.14 -11.27 -4.48
N ILE B 348 -9.46 -12.36 -4.82
CA ILE B 348 -10.08 -13.52 -5.47
C ILE B 348 -10.09 -14.66 -4.47
N TRP B 349 -11.27 -15.21 -4.22
CA TRP B 349 -11.47 -16.21 -3.19
C TRP B 349 -11.87 -17.54 -3.83
N ASN B 350 -11.62 -18.62 -3.09
CA ASN B 350 -11.95 -19.97 -3.55
C ASN B 350 -12.15 -20.90 -2.36
N ILE C 9 -54.81 13.92 -13.76
CA ILE C 9 -55.87 13.09 -14.30
C ILE C 9 -55.33 12.22 -15.43
N ALA C 10 -54.30 12.72 -16.12
CA ALA C 10 -53.67 12.01 -17.21
C ALA C 10 -52.42 11.24 -16.79
N GLN C 11 -52.06 11.29 -15.50
CA GLN C 11 -50.88 10.61 -14.99
C GLN C 11 -51.20 9.26 -14.38
N ALA C 12 -52.29 9.15 -13.63
CA ALA C 12 -52.68 7.91 -12.99
C ALA C 12 -53.55 7.03 -13.87
N ARG C 13 -53.90 7.50 -15.08
CA ARG C 13 -54.68 6.67 -15.99
C ARG C 13 -53.89 5.44 -16.40
N LYS C 14 -52.59 5.59 -16.66
CA LYS C 14 -51.77 4.44 -17.02
C LYS C 14 -51.44 3.58 -15.79
N LEU C 15 -51.57 4.15 -14.59
CA LEU C 15 -51.25 3.39 -13.38
C LEU C 15 -52.20 2.23 -13.18
N VAL C 16 -53.51 2.48 -13.35
CA VAL C 16 -54.49 1.40 -13.21
C VAL C 16 -54.36 0.42 -14.36
N GLU C 17 -53.95 0.89 -15.53
CA GLU C 17 -53.74 -0.01 -16.66
C GLU C 17 -52.63 -1.01 -16.37
N GLN C 18 -51.54 -0.55 -15.77
CA GLN C 18 -50.46 -1.46 -15.40
C GLN C 18 -50.92 -2.49 -14.37
N LEU C 19 -51.69 -2.05 -13.37
CA LEU C 19 -52.19 -2.97 -12.37
C LEU C 19 -53.16 -3.99 -12.95
N LYS C 20 -53.85 -3.62 -14.04
CA LYS C 20 -54.73 -4.58 -14.70
C LYS C 20 -53.95 -5.74 -15.29
N MET C 21 -52.81 -5.45 -15.93
CA MET C 21 -51.98 -6.51 -16.49
C MET C 21 -51.25 -7.29 -15.40
N GLU C 22 -50.84 -6.62 -14.33
CA GLU C 22 -50.12 -7.29 -13.25
C GLU C 22 -51.01 -8.22 -12.43
N ALA C 23 -52.33 -8.05 -12.48
CA ALA C 23 -53.24 -8.90 -11.75
C ALA C 23 -53.59 -10.19 -12.49
N ASN C 24 -53.56 -10.15 -13.82
CA ASN C 24 -53.88 -11.33 -14.64
C ASN C 24 -52.59 -12.09 -14.92
N ILE C 25 -52.12 -12.81 -13.91
CA ILE C 25 -50.91 -13.61 -13.99
C ILE C 25 -51.24 -15.03 -13.55
N ASP C 26 -50.84 -16.02 -14.36
CA ASP C 26 -51.03 -17.42 -14.03
C ASP C 26 -50.03 -17.79 -12.93
N ARG C 27 -50.48 -17.73 -11.68
CA ARG C 27 -49.61 -17.94 -10.53
C ARG C 27 -49.53 -19.41 -10.17
N ILE C 28 -48.44 -19.77 -9.49
CA ILE C 28 -48.17 -21.14 -9.09
C ILE C 28 -47.93 -21.16 -7.58
N LYS C 29 -48.42 -22.23 -6.94
CA LYS C 29 -48.24 -22.37 -5.50
C LYS C 29 -46.76 -22.36 -5.14
N VAL C 30 -46.44 -21.69 -4.02
CA VAL C 30 -45.04 -21.62 -3.59
C VAL C 30 -44.51 -22.99 -3.20
N SER C 31 -45.41 -23.91 -2.84
CA SER C 31 -44.97 -25.27 -2.52
C SER C 31 -44.32 -25.94 -3.71
N LYS C 32 -44.92 -25.79 -4.89
CA LYS C 32 -44.30 -26.33 -6.11
C LYS C 32 -43.06 -25.54 -6.50
N ALA C 33 -43.11 -24.21 -6.36
CA ALA C 33 -41.96 -23.38 -6.72
C ALA C 33 -40.77 -23.67 -5.82
N ALA C 34 -41.01 -23.88 -4.52
CA ALA C 34 -39.92 -24.19 -3.61
C ALA C 34 -39.25 -25.51 -3.96
N ALA C 35 -40.05 -26.52 -4.33
CA ALA C 35 -39.48 -27.81 -4.72
C ALA C 35 -38.66 -27.69 -6.00
N ASP C 36 -39.14 -26.89 -6.96
CA ASP C 36 -38.42 -26.73 -8.21
C ASP C 36 -37.05 -26.09 -8.00
N LEU C 37 -36.98 -25.08 -7.14
CA LEU C 37 -35.69 -24.46 -6.84
C LEU C 37 -34.80 -25.41 -6.05
N MET C 38 -35.41 -26.28 -5.24
CA MET C 38 -34.63 -27.27 -4.51
C MET C 38 -34.05 -28.32 -5.44
N ALA C 39 -34.81 -28.72 -6.46
CA ALA C 39 -34.34 -29.74 -7.39
C ALA C 39 -33.14 -29.23 -8.20
N TYR C 40 -33.19 -27.98 -8.65
CA TYR C 40 -32.11 -27.45 -9.47
C TYR C 40 -30.81 -27.37 -8.68
N CYS C 41 -30.87 -26.88 -7.43
CA CYS C 41 -29.67 -26.77 -6.62
C CYS C 41 -29.12 -28.13 -6.22
N GLU C 42 -29.96 -29.17 -6.22
CA GLU C 42 -29.49 -30.52 -5.92
C GLU C 42 -28.98 -31.23 -7.17
N ALA C 43 -29.63 -31.01 -8.31
CA ALA C 43 -29.17 -31.60 -9.56
C ALA C 43 -27.78 -31.08 -9.94
N HIS C 44 -27.68 -29.77 -10.15
CA HIS C 44 -26.40 -29.16 -10.49
C HIS C 44 -25.58 -28.86 -9.25
N ALA C 45 -25.40 -29.86 -8.38
CA ALA C 45 -24.63 -29.70 -7.16
C ALA C 45 -23.23 -30.28 -7.25
N LYS C 46 -23.01 -31.26 -8.12
CA LYS C 46 -21.68 -31.84 -8.30
C LYS C 46 -20.75 -30.95 -9.11
N GLU C 47 -21.28 -29.91 -9.77
CA GLU C 47 -20.49 -29.03 -10.62
C GLU C 47 -20.30 -27.65 -9.99
N ASP C 48 -20.31 -27.58 -8.66
CA ASP C 48 -20.11 -26.32 -7.95
C ASP C 48 -18.78 -26.37 -7.21
N PRO C 49 -17.73 -25.72 -7.72
CA PRO C 49 -16.43 -25.75 -7.01
C PRO C 49 -16.41 -24.92 -5.74
N LEU C 50 -17.50 -24.24 -5.39
CA LEU C 50 -17.58 -23.44 -4.18
C LEU C 50 -18.31 -24.16 -3.06
N LEU C 51 -19.43 -24.82 -3.36
CA LEU C 51 -20.13 -25.60 -2.35
C LEU C 51 -19.28 -26.76 -1.86
N THR C 52 -18.63 -27.45 -2.79
CA THR C 52 -17.70 -28.54 -2.46
C THR C 52 -16.32 -28.16 -2.97
N PRO C 53 -15.30 -28.11 -2.11
CA PRO C 53 -13.97 -27.67 -2.56
C PRO C 53 -13.43 -28.53 -3.69
N VAL C 54 -12.81 -27.87 -4.67
CA VAL C 54 -12.20 -28.56 -5.81
C VAL C 54 -10.88 -29.17 -5.35
N PRO C 55 -10.45 -30.29 -5.90
CA PRO C 55 -9.13 -30.81 -5.58
C PRO C 55 -8.03 -29.83 -5.96
N ALA C 56 -6.95 -29.83 -5.16
CA ALA C 56 -5.86 -28.88 -5.37
C ALA C 56 -5.19 -29.05 -6.73
N SER C 57 -5.27 -30.24 -7.33
CA SER C 57 -4.71 -30.47 -8.66
C SER C 57 -5.59 -29.91 -9.77
N GLU C 58 -6.84 -29.56 -9.47
CA GLU C 58 -7.76 -28.98 -10.44
C GLU C 58 -8.16 -27.56 -10.05
N ASN C 59 -7.28 -26.85 -9.34
CA ASN C 59 -7.57 -25.49 -8.88
C ASN C 59 -6.70 -24.52 -9.65
N PRO C 60 -7.27 -23.77 -10.61
CA PRO C 60 -6.46 -22.77 -11.32
C PRO C 60 -5.97 -21.63 -10.44
N PHE C 61 -6.58 -21.44 -9.27
CA PHE C 61 -6.19 -20.35 -8.38
C PHE C 61 -5.42 -20.88 -7.17
N ASP D 1 -5.07 2.84 -41.96
CA ASP D 1 -4.43 1.72 -42.61
C ASP D 1 -3.06 1.43 -42.01
N VAL D 2 -2.86 0.19 -41.57
CA VAL D 2 -1.58 -0.24 -41.04
C VAL D 2 -0.62 -0.43 -42.21
N GLN D 3 0.54 0.20 -42.13
CA GLN D 3 1.51 0.17 -43.22
C GLN D 3 2.91 0.20 -42.66
N LEU D 4 3.72 -0.81 -43.01
CA LEU D 4 5.13 -0.84 -42.69
C LEU D 4 5.93 -0.81 -43.98
N VAL D 5 6.83 0.16 -44.10
CA VAL D 5 7.64 0.36 -45.30
C VAL D 5 9.10 0.46 -44.88
N GLU D 6 9.97 -0.27 -45.59
CA GLU D 6 11.38 -0.31 -45.28
C GLU D 6 12.19 0.29 -46.44
N SER D 7 13.28 0.98 -46.08
CA SER D 7 14.15 1.58 -47.08
C SER D 7 15.59 1.46 -46.59
N GLY D 8 16.52 1.47 -47.55
CA GLY D 8 17.93 1.36 -47.21
C GLY D 8 18.62 0.21 -47.91
N GLY D 9 17.88 -0.55 -48.70
CA GLY D 9 18.45 -1.65 -49.45
C GLY D 9 19.26 -1.20 -50.64
N GLY D 10 20.06 -2.11 -51.15
CA GLY D 10 20.92 -1.82 -52.28
C GLY D 10 22.11 -2.74 -52.30
N LEU D 11 23.00 -2.48 -53.26
CA LEU D 11 24.20 -3.27 -53.45
C LEU D 11 25.34 -2.65 -52.65
N VAL D 12 25.92 -3.41 -51.74
CA VAL D 12 27.02 -2.96 -50.90
C VAL D 12 28.15 -3.98 -50.96
N GLN D 13 29.36 -3.51 -50.76
CA GLN D 13 30.55 -4.35 -50.79
C GLN D 13 30.76 -5.04 -49.45
N PRO D 14 31.42 -6.20 -49.44
CA PRO D 14 31.69 -6.88 -48.17
C PRO D 14 32.54 -6.02 -47.25
N GLY D 15 32.25 -6.11 -45.95
CA GLY D 15 32.95 -5.36 -44.95
C GLY D 15 32.39 -3.98 -44.67
N GLY D 16 31.45 -3.51 -45.49
CA GLY D 16 30.82 -2.23 -45.28
C GLY D 16 29.68 -2.31 -44.28
N SER D 17 29.08 -1.15 -44.02
CA SER D 17 27.98 -1.05 -43.08
C SER D 17 26.80 -0.36 -43.74
N ARG D 18 25.60 -0.86 -43.46
CA ARG D 18 24.36 -0.30 -43.98
C ARG D 18 23.33 -0.23 -42.86
N LYS D 19 22.37 0.68 -43.03
CA LYS D 19 21.31 0.87 -42.05
C LYS D 19 19.96 0.77 -42.74
N LEU D 20 19.06 -0.02 -42.16
CA LEU D 20 17.71 -0.19 -42.70
C LEU D 20 16.71 0.45 -41.75
N SER D 21 15.78 1.22 -42.31
CA SER D 21 14.78 1.93 -41.53
C SER D 21 13.39 1.40 -41.86
N CYS D 22 12.58 1.19 -40.83
CA CYS D 22 11.22 0.68 -40.97
C CYS D 22 10.28 1.70 -40.33
N SER D 23 9.70 2.57 -41.15
CA SER D 23 8.79 3.59 -40.66
C SER D 23 7.37 3.05 -40.62
N ALA D 24 6.68 3.25 -39.50
CA ALA D 24 5.33 2.74 -39.30
C ALA D 24 4.33 3.90 -39.33
N SER D 25 3.15 3.63 -39.86
CA SER D 25 2.09 4.64 -39.94
C SER D 25 0.75 3.91 -39.98
N GLY D 26 -0.01 4.00 -38.88
CA GLY D 26 -1.33 3.42 -38.84
C GLY D 26 -1.63 2.61 -37.60
N PHE D 27 -0.70 2.59 -36.64
CA PHE D 27 -0.91 1.87 -35.39
C PHE D 27 -0.01 2.47 -34.32
N ALA D 28 -0.28 2.11 -33.08
CA ALA D 28 0.47 2.60 -31.93
C ALA D 28 1.82 1.90 -31.90
N PHE D 29 2.81 2.52 -32.53
CA PHE D 29 4.14 1.91 -32.62
C PHE D 29 4.77 1.71 -31.25
N SER D 30 4.48 2.60 -30.30
CA SER D 30 5.12 2.55 -28.99
C SER D 30 4.69 1.34 -28.16
N SER D 31 3.64 0.62 -28.56
CA SER D 31 3.14 -0.52 -27.80
C SER D 31 3.45 -1.85 -28.44
N PHE D 32 4.05 -1.88 -29.62
CA PHE D 32 4.33 -3.12 -30.34
C PHE D 32 5.82 -3.45 -30.28
N GLY D 33 6.10 -4.74 -30.21
CA GLY D 33 7.47 -5.24 -30.37
C GLY D 33 7.71 -5.58 -31.83
N MET D 34 8.87 -5.14 -32.33
CA MET D 34 9.16 -5.20 -33.76
C MET D 34 10.30 -6.18 -34.01
N HIS D 35 10.10 -7.08 -34.97
CA HIS D 35 11.08 -8.08 -35.34
C HIS D 35 11.70 -7.72 -36.70
N TRP D 36 12.84 -8.36 -36.99
CA TRP D 36 13.45 -8.32 -38.31
C TRP D 36 13.56 -9.75 -38.82
N VAL D 37 12.94 -10.00 -39.97
CA VAL D 37 12.96 -11.32 -40.60
C VAL D 37 13.49 -11.15 -42.02
N ARG D 38 14.48 -11.96 -42.39
CA ARG D 38 15.07 -11.90 -43.71
C ARG D 38 14.80 -13.21 -44.45
N GLN D 39 14.64 -13.10 -45.77
CA GLN D 39 14.35 -14.25 -46.61
C GLN D 39 15.42 -14.30 -47.71
N ALA D 40 16.30 -15.30 -47.62
CA ALA D 40 17.32 -15.48 -48.63
C ALA D 40 16.68 -15.90 -49.95
N PRO D 41 17.35 -15.61 -51.07
CA PRO D 41 16.78 -15.97 -52.38
C PRO D 41 16.42 -17.46 -52.51
N GLU D 42 15.14 -17.72 -52.76
CA GLU D 42 14.59 -19.07 -52.98
C GLU D 42 15.10 -20.09 -51.97
N LYS D 43 15.32 -19.64 -50.73
CA LYS D 43 15.70 -20.54 -49.66
C LYS D 43 14.71 -20.55 -48.51
N GLY D 44 14.24 -19.38 -48.06
CA GLY D 44 13.23 -19.34 -47.04
C GLY D 44 13.41 -18.23 -46.01
N LEU D 45 12.43 -18.09 -45.11
CA LEU D 45 12.47 -17.06 -44.09
C LEU D 45 13.44 -17.45 -42.97
N GLU D 46 13.89 -16.42 -42.24
CA GLU D 46 14.82 -16.63 -41.14
C GLU D 46 14.75 -15.43 -40.20
N TRP D 47 14.56 -15.70 -38.91
CA TRP D 47 14.51 -14.64 -37.92
C TRP D 47 15.89 -14.06 -37.69
N VAL D 48 15.92 -12.75 -37.39
CA VAL D 48 17.20 -12.04 -37.25
C VAL D 48 17.31 -11.42 -35.86
N ALA D 49 16.38 -10.55 -35.51
CA ALA D 49 16.46 -9.82 -34.24
C ALA D 49 15.08 -9.39 -33.80
N TYR D 50 14.99 -9.02 -32.52
CA TYR D 50 13.73 -8.59 -31.92
C TYR D 50 14.01 -7.57 -30.82
N ILE D 51 13.22 -6.51 -30.78
CA ILE D 51 13.29 -5.51 -29.72
C ILE D 51 11.91 -5.39 -29.09
N SER D 52 11.87 -5.41 -27.76
CA SER D 52 10.60 -5.36 -27.05
C SER D 52 10.04 -3.95 -27.07
N SER D 53 8.80 -3.82 -26.60
CA SER D 53 8.16 -2.51 -26.50
C SER D 53 8.86 -1.69 -25.42
N GLY D 54 9.19 -0.44 -25.75
CA GLY D 54 9.97 0.39 -24.85
C GLY D 54 11.45 0.12 -24.85
N SER D 55 11.95 -0.68 -25.80
CA SER D 55 13.36 -1.01 -25.92
C SER D 55 13.92 -1.72 -24.69
N GLY D 56 13.07 -2.45 -23.97
CA GLY D 56 13.49 -3.15 -22.78
C GLY D 56 14.32 -4.39 -23.04
N THR D 57 13.74 -5.34 -23.76
CA THR D 57 14.38 -6.62 -24.03
C THR D 57 14.79 -6.70 -25.50
N ILE D 58 16.05 -7.07 -25.74
CA ILE D 58 16.60 -7.15 -27.09
C ILE D 58 17.21 -8.54 -27.28
N TYR D 59 16.92 -9.16 -28.42
CA TYR D 59 17.46 -10.46 -28.77
C TYR D 59 18.02 -10.44 -30.18
N TYR D 60 19.00 -11.29 -30.43
CA TYR D 60 19.62 -11.43 -31.74
C TYR D 60 19.75 -12.90 -32.10
N ALA D 61 19.76 -13.19 -33.40
CA ALA D 61 20.01 -14.54 -33.87
C ALA D 61 21.47 -14.91 -33.64
N ASP D 62 21.73 -16.21 -33.45
CA ASP D 62 23.08 -16.67 -33.23
C ASP D 62 23.98 -16.42 -34.44
N THR D 63 23.41 -16.37 -35.64
CA THR D 63 24.21 -16.15 -36.84
C THR D 63 24.81 -14.75 -36.85
N VAL D 64 24.05 -13.75 -36.42
CA VAL D 64 24.48 -12.36 -36.50
C VAL D 64 24.56 -11.74 -35.11
N LYS D 65 24.75 -12.57 -34.09
CA LYS D 65 24.88 -12.06 -32.73
C LYS D 65 26.20 -11.30 -32.58
N GLY D 66 26.12 -10.09 -32.02
CA GLY D 66 27.29 -9.24 -31.88
C GLY D 66 27.70 -8.51 -33.13
N ARG D 67 27.07 -8.80 -34.28
CA ARG D 67 27.38 -8.15 -35.54
C ARG D 67 26.33 -7.12 -35.94
N PHE D 68 25.06 -7.40 -35.67
CA PHE D 68 23.97 -6.47 -35.96
C PHE D 68 23.56 -5.76 -34.67
N THR D 69 22.83 -4.66 -34.84
CA THR D 69 22.24 -3.96 -33.72
C THR D 69 20.89 -3.39 -34.14
N ILE D 70 19.96 -3.37 -33.19
CA ILE D 70 18.61 -2.90 -33.43
C ILE D 70 18.33 -1.73 -32.49
N SER D 71 17.68 -0.69 -33.02
CA SER D 71 17.34 0.49 -32.24
C SER D 71 15.90 0.88 -32.52
N ARG D 72 15.29 1.57 -31.57
CA ARG D 72 13.88 1.91 -31.62
C ARG D 72 13.71 3.39 -31.37
N ASP D 73 12.98 4.07 -32.24
CA ASP D 73 12.70 5.50 -32.13
C ASP D 73 11.19 5.66 -32.04
N ASP D 74 10.66 5.55 -30.82
CA ASP D 74 9.21 5.63 -30.62
C ASP D 74 8.61 6.97 -31.03
N PRO D 75 9.17 8.13 -30.65
CA PRO D 75 8.56 9.39 -31.08
C PRO D 75 8.52 9.59 -32.59
N LYS D 76 9.43 8.96 -33.33
CA LYS D 76 9.48 9.12 -34.78
C LYS D 76 8.82 7.96 -35.52
N ASN D 77 8.37 6.92 -34.83
CA ASN D 77 7.73 5.76 -35.43
C ASN D 77 8.62 5.13 -36.50
N THR D 78 9.87 4.89 -36.12
CA THR D 78 10.85 4.33 -37.04
C THR D 78 11.66 3.26 -36.32
N LEU D 79 11.91 2.15 -37.01
CA LEU D 79 12.71 1.06 -36.49
C LEU D 79 13.94 0.89 -37.35
N PHE D 80 15.11 0.83 -36.72
CA PHE D 80 16.38 0.76 -37.43
C PHE D 80 17.05 -0.58 -37.21
N LEU D 81 17.93 -0.94 -38.15
CA LEU D 81 18.78 -2.11 -38.05
C LEU D 81 20.12 -1.77 -38.67
N GLN D 82 21.13 -1.57 -37.84
CA GLN D 82 22.47 -1.20 -38.29
C GLN D 82 23.33 -2.45 -38.33
N MET D 83 23.83 -2.79 -39.51
CA MET D 83 24.68 -3.95 -39.72
C MET D 83 26.13 -3.50 -39.87
N THR D 84 27.02 -4.07 -39.05
CA THR D 84 28.41 -3.62 -39.00
C THR D 84 29.25 -4.20 -40.14
N SER D 85 29.36 -5.52 -40.20
CA SER D 85 30.13 -6.20 -41.23
C SER D 85 29.22 -7.16 -41.98
N LEU D 86 29.23 -7.08 -43.31
CA LEU D 86 28.33 -7.85 -44.15
C LEU D 86 29.13 -8.86 -44.96
N ARG D 87 28.76 -10.13 -44.86
CA ARG D 87 29.33 -11.17 -45.71
C ARG D 87 28.44 -11.36 -46.93
N SER D 88 28.70 -12.40 -47.72
CA SER D 88 27.84 -12.74 -48.83
C SER D 88 26.57 -13.45 -48.40
N GLU D 89 26.47 -13.84 -47.13
CA GLU D 89 25.29 -14.49 -46.59
C GLU D 89 24.21 -13.50 -46.18
N ASP D 90 24.55 -12.23 -46.00
CA ASP D 90 23.58 -11.25 -45.51
C ASP D 90 22.56 -10.84 -46.58
N THR D 91 22.79 -11.19 -47.84
CA THR D 91 21.86 -10.82 -48.89
C THR D 91 20.54 -11.57 -48.72
N ALA D 92 19.45 -10.81 -48.58
CA ALA D 92 18.12 -11.35 -48.34
C ALA D 92 17.12 -10.19 -48.36
N MET D 93 15.85 -10.54 -48.43
CA MET D 93 14.77 -9.55 -48.34
C MET D 93 14.38 -9.40 -46.88
N TYR D 94 14.83 -8.30 -46.26
CA TYR D 94 14.58 -8.07 -44.84
C TYR D 94 13.18 -7.52 -44.63
N TYR D 95 12.39 -8.21 -43.83
CA TYR D 95 11.03 -7.80 -43.52
C TYR D 95 10.97 -7.16 -42.13
N CYS D 96 9.92 -6.36 -41.92
CA CYS D 96 9.71 -5.67 -40.65
C CYS D 96 8.35 -6.07 -40.13
N VAL D 97 8.33 -6.73 -38.98
CA VAL D 97 7.12 -7.37 -38.44
C VAL D 97 6.83 -6.80 -37.06
N ARG D 98 5.56 -6.49 -36.80
CA ARG D 98 5.11 -5.99 -35.51
C ARG D 98 4.53 -7.12 -34.68
N SER D 99 4.65 -6.99 -33.36
CA SER D 99 4.23 -8.03 -32.44
C SER D 99 3.79 -7.40 -31.12
N ILE D 100 2.60 -7.76 -30.66
CA ILE D 100 2.08 -7.32 -29.36
C ILE D 100 1.76 -8.56 -28.54
N TYR D 101 2.19 -8.56 -27.29
CA TYR D 101 2.09 -9.74 -26.43
C TYR D 101 1.22 -9.44 -25.23
N TYR D 102 0.05 -10.08 -25.19
CA TYR D 102 -0.78 -10.14 -23.99
C TYR D 102 -1.68 -11.36 -24.13
N TYR D 103 -2.50 -11.60 -23.11
CA TYR D 103 -3.36 -12.78 -23.11
C TYR D 103 -4.35 -12.73 -24.26
N GLY D 104 -4.19 -13.62 -25.23
CA GLY D 104 -5.09 -13.71 -26.36
C GLY D 104 -4.74 -12.82 -27.55
N SER D 105 -3.52 -12.31 -27.61
CA SER D 105 -3.12 -11.41 -28.68
C SER D 105 -2.66 -12.18 -29.92
N SER D 106 -2.44 -11.43 -30.99
CA SER D 106 -1.93 -11.98 -32.26
C SER D 106 -0.60 -11.31 -32.56
N PRO D 107 0.53 -11.93 -32.18
CA PRO D 107 1.83 -11.25 -32.29
C PRO D 107 2.56 -11.41 -33.60
N PHE D 108 1.92 -11.87 -34.68
CA PHE D 108 2.60 -11.93 -35.97
C PHE D 108 1.64 -11.61 -37.10
N ASP D 109 0.66 -10.75 -36.86
CA ASP D 109 -0.40 -10.51 -37.83
C ASP D 109 0.12 -9.81 -39.08
N PHE D 110 0.86 -8.72 -38.91
CA PHE D 110 1.24 -7.85 -40.01
C PHE D 110 2.72 -7.95 -40.31
N TRP D 111 3.05 -8.14 -41.58
CA TRP D 111 4.41 -8.15 -42.07
C TRP D 111 4.64 -6.96 -43.00
N GLY D 112 5.85 -6.41 -42.97
CA GLY D 112 6.19 -5.29 -43.81
C GLY D 112 6.37 -5.69 -45.27
N GLN D 113 6.56 -4.68 -46.10
CA GLN D 113 6.72 -4.91 -47.54
C GLN D 113 8.10 -5.46 -47.89
N GLY D 114 9.08 -5.31 -47.03
CA GLY D 114 10.39 -5.89 -47.27
C GLY D 114 11.25 -5.05 -48.19
N THR D 115 12.55 -5.04 -47.91
CA THR D 115 13.53 -4.36 -48.73
C THR D 115 14.61 -5.36 -49.14
N THR D 116 15.17 -5.16 -50.32
CA THR D 116 16.14 -6.09 -50.89
C THR D 116 17.56 -5.58 -50.64
N LEU D 117 18.36 -6.39 -49.95
CA LEU D 117 19.77 -6.09 -49.71
C LEU D 117 20.62 -7.10 -50.45
N THR D 118 21.56 -6.61 -51.24
CA THR D 118 22.44 -7.44 -52.05
C THR D 118 23.89 -7.13 -51.71
N VAL D 119 24.69 -8.17 -51.51
CA VAL D 119 26.11 -8.04 -51.23
C VAL D 119 26.89 -8.76 -52.33
N SER D 120 27.82 -8.05 -52.96
CA SER D 120 28.60 -8.62 -54.03
C SER D 120 29.67 -9.56 -53.48
N SER D 121 30.21 -10.39 -54.36
CA SER D 121 31.25 -11.35 -53.98
C SER D 121 32.64 -10.73 -54.11
N SER D 136 20.59 -27.83 -29.58
CA SER D 136 20.54 -26.49 -28.98
C SER D 136 19.23 -25.79 -29.33
N ASP D 137 19.08 -25.40 -30.59
CA ASP D 137 17.87 -24.74 -31.04
C ASP D 137 16.81 -25.75 -31.44
N ILE D 138 15.57 -25.29 -31.49
CA ILE D 138 14.45 -26.14 -31.90
C ILE D 138 14.43 -26.21 -33.41
N VAL D 139 14.62 -27.42 -33.95
CA VAL D 139 14.67 -27.64 -35.39
C VAL D 139 13.29 -28.11 -35.85
N MET D 140 12.70 -27.35 -36.77
CA MET D 140 11.39 -27.67 -37.34
C MET D 140 11.58 -28.11 -38.79
N THR D 141 11.04 -29.26 -39.13
CA THR D 141 11.20 -29.85 -40.45
C THR D 141 9.84 -30.03 -41.11
N GLN D 142 9.75 -29.66 -42.37
CA GLN D 142 8.55 -29.86 -43.18
C GLN D 142 8.76 -31.05 -44.11
N ALA D 143 7.73 -31.90 -44.21
CA ALA D 143 7.90 -33.20 -44.86
C ALA D 143 8.24 -33.05 -46.34
N THR D 144 7.54 -32.16 -47.05
CA THR D 144 7.69 -32.05 -48.49
C THR D 144 8.07 -30.62 -48.87
N SER D 145 8.19 -30.40 -50.18
CA SER D 145 8.53 -29.08 -50.72
C SER D 145 7.61 -28.61 -51.83
N SER D 146 6.89 -29.51 -52.51
CA SER D 146 5.97 -29.12 -53.56
C SER D 146 4.79 -30.07 -53.55
N VAL D 147 3.58 -29.52 -53.58
CA VAL D 147 2.36 -30.33 -53.57
C VAL D 147 1.41 -29.85 -54.66
N PRO D 148 1.32 -30.55 -55.79
CA PRO D 148 0.32 -30.18 -56.80
C PRO D 148 -1.07 -30.60 -56.36
N VAL D 149 -2.06 -29.75 -56.69
CA VAL D 149 -3.45 -30.01 -56.30
C VAL D 149 -4.34 -29.16 -57.19
N THR D 150 -5.58 -29.61 -57.37
CA THR D 150 -6.60 -28.92 -58.12
C THR D 150 -7.60 -28.26 -57.18
N PRO D 151 -8.27 -27.20 -57.63
CA PRO D 151 -9.24 -26.53 -56.74
C PRO D 151 -10.36 -27.45 -56.32
N GLY D 152 -10.85 -27.24 -55.09
CA GLY D 152 -11.91 -28.05 -54.53
C GLY D 152 -11.45 -29.29 -53.79
N GLU D 153 -10.14 -29.54 -53.72
CA GLU D 153 -9.60 -30.70 -53.04
C GLU D 153 -8.91 -30.26 -51.76
N SER D 154 -9.24 -30.91 -50.65
CA SER D 154 -8.63 -30.59 -49.37
C SER D 154 -7.15 -30.95 -49.38
N VAL D 155 -6.34 -30.06 -48.82
CA VAL D 155 -4.89 -30.23 -48.76
C VAL D 155 -4.46 -30.18 -47.30
N SER D 156 -3.57 -31.10 -46.91
CA SER D 156 -3.04 -31.16 -45.55
C SER D 156 -1.54 -30.93 -45.59
N ILE D 157 -1.08 -29.99 -44.76
CA ILE D 157 0.34 -29.67 -44.64
C ILE D 157 0.76 -29.93 -43.20
N SER D 158 1.86 -30.67 -43.04
CA SER D 158 2.31 -31.10 -41.73
C SER D 158 3.80 -30.85 -41.57
N CYS D 159 4.20 -30.42 -40.37
CA CYS D 159 5.61 -30.24 -40.04
C CYS D 159 5.82 -30.65 -38.58
N ARG D 160 7.01 -31.16 -38.29
CA ARG D 160 7.37 -31.63 -36.97
C ARG D 160 8.30 -30.64 -36.29
N SER D 161 8.76 -31.01 -35.09
CA SER D 161 9.67 -30.18 -34.31
C SER D 161 10.51 -31.08 -33.42
N SER D 162 11.60 -30.51 -32.90
CA SER D 162 12.49 -31.27 -32.03
C SER D 162 11.88 -31.45 -30.63
N LYS D 163 11.58 -30.34 -29.95
CA LYS D 163 10.96 -30.38 -28.64
C LYS D 163 9.44 -30.39 -28.78
N SER D 164 8.77 -30.53 -27.64
CA SER D 164 7.32 -30.46 -27.58
C SER D 164 6.91 -29.02 -27.32
N LEU D 165 6.27 -28.39 -28.31
CA LEU D 165 5.88 -26.99 -28.20
C LEU D 165 4.74 -26.77 -27.21
N LEU D 166 4.08 -27.84 -26.76
CA LEU D 166 3.00 -27.71 -25.79
C LEU D 166 3.58 -27.35 -24.43
N HIS D 167 3.37 -26.11 -24.00
CA HIS D 167 3.84 -25.66 -22.71
C HIS D 167 2.95 -26.24 -21.60
N SER D 168 3.42 -26.12 -20.35
CA SER D 168 2.63 -26.54 -19.21
C SER D 168 1.40 -25.67 -19.01
N ASN D 169 1.35 -24.50 -19.66
CA ASN D 169 0.20 -23.61 -19.55
C ASN D 169 -0.97 -24.07 -20.41
N GLY D 170 -0.77 -25.08 -21.25
CA GLY D 170 -1.79 -25.56 -22.16
C GLY D 170 -1.73 -24.96 -23.55
N ASN D 171 -0.90 -23.96 -23.77
CA ASN D 171 -0.79 -23.33 -25.08
C ASN D 171 0.33 -23.97 -25.89
N THR D 172 0.06 -24.19 -27.18
CA THR D 172 1.06 -24.68 -28.12
C THR D 172 1.48 -23.50 -28.99
N TYR D 173 2.78 -23.24 -29.06
CA TYR D 173 3.30 -22.06 -29.76
C TYR D 173 3.75 -22.48 -31.16
N LEU D 174 2.80 -22.46 -32.08
CA LEU D 174 3.06 -22.73 -33.49
C LEU D 174 2.36 -21.67 -34.33
N TYR D 175 3.07 -21.15 -35.33
CA TYR D 175 2.53 -20.11 -36.20
C TYR D 175 2.62 -20.57 -37.64
N TRP D 176 1.53 -20.37 -38.38
CA TRP D 176 1.45 -20.75 -39.78
C TRP D 176 1.36 -19.48 -40.62
N PHE D 177 2.24 -19.36 -41.60
CA PHE D 177 2.27 -18.21 -42.48
C PHE D 177 2.12 -18.65 -43.93
N LEU D 178 1.56 -17.76 -44.75
CA LEU D 178 1.39 -18.00 -46.17
C LEU D 178 2.02 -16.84 -46.94
N GLN D 179 2.94 -17.17 -47.84
CA GLN D 179 3.63 -16.18 -48.66
C GLN D 179 3.20 -16.36 -50.10
N ARG D 180 2.23 -15.56 -50.54
CA ARG D 180 1.79 -15.60 -51.92
C ARG D 180 2.91 -15.10 -52.83
N PRO D 181 2.97 -15.59 -54.07
CA PRO D 181 4.04 -15.17 -54.98
C PRO D 181 4.03 -13.66 -55.21
N GLY D 182 5.17 -13.04 -54.98
CA GLY D 182 5.32 -11.61 -55.15
C GLY D 182 4.82 -10.75 -54.00
N GLN D 183 4.42 -11.36 -52.90
CA GLN D 183 3.90 -10.63 -51.75
C GLN D 183 4.68 -11.01 -50.50
N SER D 184 4.22 -10.50 -49.35
CA SER D 184 4.81 -10.74 -48.05
C SER D 184 4.03 -11.80 -47.29
N PRO D 185 4.67 -12.50 -46.36
CA PRO D 185 3.96 -13.54 -45.59
C PRO D 185 2.79 -12.97 -44.80
N GLN D 186 1.75 -13.77 -44.68
CA GLN D 186 0.54 -13.39 -43.94
C GLN D 186 0.22 -14.47 -42.92
N LEU D 187 -0.12 -14.04 -41.71
CA LEU D 187 -0.42 -14.97 -40.63
C LEU D 187 -1.79 -15.61 -40.83
N LEU D 188 -1.85 -16.92 -40.61
CA LEU D 188 -3.11 -17.67 -40.72
C LEU D 188 -3.53 -18.25 -39.36
N ILE D 189 -2.66 -19.03 -38.72
CA ILE D 189 -2.94 -19.64 -37.43
C ILE D 189 -1.77 -19.32 -36.50
N TYR D 190 -2.05 -18.81 -35.30
CA TYR D 190 -0.98 -18.26 -34.49
C TYR D 190 -0.62 -19.05 -33.24
N ARG D 191 -1.47 -19.93 -32.72
CA ARG D 191 -1.00 -20.84 -31.67
C ARG D 191 -1.11 -22.31 -32.08
N MET D 192 -2.31 -22.86 -32.25
CA MET D 192 -2.43 -24.18 -32.86
C MET D 192 -3.58 -24.21 -33.84
N SER D 193 -4.68 -23.55 -33.47
CA SER D 193 -5.90 -23.57 -34.27
C SER D 193 -6.61 -22.22 -34.26
N ASN D 194 -5.97 -21.16 -33.76
CA ASN D 194 -6.59 -19.86 -33.63
C ASN D 194 -6.49 -19.12 -34.96
N LEU D 195 -7.62 -18.94 -35.62
CA LEU D 195 -7.62 -18.26 -36.91
C LEU D 195 -7.26 -16.79 -36.74
N ALA D 196 -6.47 -16.27 -37.67
CA ALA D 196 -6.08 -14.86 -37.63
C ALA D 196 -7.27 -13.97 -38.02
N SER D 197 -7.04 -12.66 -37.98
CA SER D 197 -8.08 -11.69 -38.27
C SER D 197 -8.18 -11.47 -39.77
N GLY D 198 -9.34 -11.72 -40.34
CA GLY D 198 -9.58 -11.48 -41.75
C GLY D 198 -9.27 -12.65 -42.66
N VAL D 199 -8.69 -13.73 -42.16
CA VAL D 199 -8.40 -14.90 -42.98
C VAL D 199 -9.70 -15.67 -43.20
N PRO D 200 -9.84 -16.37 -44.33
CA PRO D 200 -11.05 -17.17 -44.55
C PRO D 200 -11.16 -18.30 -43.53
N ASP D 201 -12.39 -18.68 -43.23
CA ASP D 201 -12.67 -19.71 -42.24
C ASP D 201 -12.34 -21.11 -42.73
N ARG D 202 -12.01 -21.28 -44.01
CA ARG D 202 -11.72 -22.62 -44.52
C ARG D 202 -10.42 -23.18 -43.94
N PHE D 203 -9.49 -22.32 -43.56
CA PHE D 203 -8.26 -22.78 -42.94
C PHE D 203 -8.51 -23.29 -41.52
N SER D 204 -7.81 -24.36 -41.16
CA SER D 204 -7.92 -24.94 -39.83
C SER D 204 -6.60 -25.62 -39.48
N GLY D 205 -6.29 -25.65 -38.19
CA GLY D 205 -5.04 -26.23 -37.74
C GLY D 205 -5.26 -27.12 -36.54
N SER D 206 -4.34 -28.06 -36.35
CA SER D 206 -4.38 -28.98 -35.21
C SER D 206 -2.95 -29.40 -34.89
N GLY D 207 -2.82 -30.43 -34.07
CA GLY D 207 -1.50 -30.94 -33.71
C GLY D 207 -1.54 -31.54 -32.33
N SER D 208 -0.45 -32.24 -32.00
CA SER D 208 -0.32 -32.89 -30.70
C SER D 208 1.17 -32.90 -30.31
N GLY D 209 1.59 -31.88 -29.59
CA GLY D 209 2.92 -31.84 -29.01
C GLY D 209 4.05 -31.59 -29.98
N THR D 210 4.34 -32.55 -30.84
CA THR D 210 5.45 -32.45 -31.77
C THR D 210 5.06 -32.64 -33.23
N ALA D 211 3.84 -33.08 -33.50
CA ALA D 211 3.35 -33.27 -34.86
C ALA D 211 2.12 -32.40 -35.06
N PHE D 212 2.14 -31.57 -36.09
CA PHE D 212 1.07 -30.62 -36.35
C PHE D 212 0.63 -30.73 -37.80
N THR D 213 -0.64 -30.43 -38.04
CA THR D 213 -1.21 -30.49 -39.38
C THR D 213 -1.99 -29.21 -39.68
N LEU D 214 -1.82 -28.71 -40.89
CA LEU D 214 -2.61 -27.58 -41.41
C LEU D 214 -3.45 -28.08 -42.56
N THR D 215 -4.77 -27.88 -42.48
CA THR D 215 -5.71 -28.36 -43.47
C THR D 215 -6.40 -27.18 -44.15
N ILE D 216 -6.62 -27.28 -45.44
CA ILE D 216 -7.27 -26.26 -46.24
C ILE D 216 -8.42 -26.95 -46.97
N SER D 217 -9.65 -26.78 -46.48
CA SER D 217 -10.81 -27.35 -47.11
C SER D 217 -11.38 -26.39 -48.14
N ARG D 218 -11.81 -26.94 -49.27
CA ARG D 218 -12.34 -26.16 -50.40
C ARG D 218 -11.31 -25.13 -50.86
N LEU D 219 -10.18 -25.65 -51.35
CA LEU D 219 -9.08 -24.78 -51.76
C LEU D 219 -9.49 -23.88 -52.91
N GLU D 220 -9.07 -22.62 -52.85
CA GLU D 220 -9.37 -21.62 -53.86
C GLU D 220 -8.08 -21.28 -54.61
N ALA D 221 -8.24 -20.58 -55.74
CA ALA D 221 -7.11 -20.33 -56.62
C ALA D 221 -6.08 -19.41 -55.97
N GLU D 222 -6.52 -18.54 -55.06
CA GLU D 222 -5.66 -17.58 -54.41
C GLU D 222 -4.95 -18.15 -53.18
N ASP D 223 -5.16 -19.42 -52.86
CA ASP D 223 -4.51 -20.05 -51.73
C ASP D 223 -3.14 -20.63 -52.07
N VAL D 224 -2.69 -20.50 -53.32
CA VAL D 224 -1.39 -21.02 -53.71
C VAL D 224 -0.29 -20.15 -53.11
N GLY D 225 0.86 -20.76 -52.87
CA GLY D 225 1.98 -20.06 -52.28
C GLY D 225 2.82 -21.01 -51.45
N VAL D 226 3.74 -20.42 -50.70
CA VAL D 226 4.64 -21.16 -49.84
C VAL D 226 4.17 -21.03 -48.40
N TYR D 227 4.03 -22.16 -47.71
CA TYR D 227 3.55 -22.20 -46.34
C TYR D 227 4.71 -22.46 -45.39
N TYR D 228 4.82 -21.64 -44.35
CA TYR D 228 5.87 -21.76 -43.35
C TYR D 228 5.25 -21.98 -41.98
N CYS D 229 5.82 -22.90 -41.21
CA CYS D 229 5.42 -23.12 -39.83
C CYS D 229 6.56 -22.73 -38.92
N MET D 230 6.26 -21.93 -37.90
CA MET D 230 7.26 -21.35 -37.02
C MET D 230 6.86 -21.58 -35.57
N GLN D 231 7.87 -21.70 -34.71
CA GLN D 231 7.67 -21.88 -33.28
C GLN D 231 8.07 -20.61 -32.54
N HIS D 232 7.32 -20.29 -31.48
CA HIS D 232 7.61 -19.15 -30.63
C HIS D 232 7.80 -19.57 -29.19
N LEU D 233 8.10 -20.85 -28.97
CA LEU D 233 8.27 -21.35 -27.60
C LEU D 233 9.49 -20.77 -26.93
N GLU D 234 10.58 -20.60 -27.67
CA GLU D 234 11.82 -20.10 -27.10
C GLU D 234 12.66 -19.46 -28.19
N TYR D 235 13.35 -18.38 -27.83
CA TYR D 235 14.26 -17.73 -28.75
C TYR D 235 15.54 -18.56 -28.93
N PRO D 236 16.14 -18.56 -30.12
CA PRO D 236 15.74 -17.83 -31.33
C PRO D 236 14.58 -18.50 -32.06
N LEU D 237 13.81 -17.74 -32.83
CA LEU D 237 12.69 -18.30 -33.58
C LEU D 237 13.20 -19.00 -34.83
N THR D 238 12.65 -20.18 -35.09
CA THR D 238 13.05 -21.01 -36.22
C THR D 238 11.86 -21.29 -37.11
N PHE D 239 12.07 -21.19 -38.42
CA PHE D 239 11.05 -21.45 -39.41
C PHE D 239 11.23 -22.84 -40.03
N GLY D 240 10.18 -23.30 -40.71
CA GLY D 240 10.25 -24.57 -41.40
C GLY D 240 10.96 -24.45 -42.73
N ALA D 241 11.09 -25.60 -43.40
CA ALA D 241 11.74 -25.64 -44.71
C ALA D 241 10.93 -24.85 -45.73
N GLY D 242 9.61 -24.98 -45.70
CA GLY D 242 8.75 -24.28 -46.63
C GLY D 242 8.06 -25.21 -47.61
N THR D 243 6.73 -25.29 -47.52
CA THR D 243 5.94 -26.13 -48.40
C THR D 243 5.26 -25.27 -49.45
N LYS D 244 5.49 -25.62 -50.72
CA LYS D 244 4.96 -24.87 -51.85
C LYS D 244 3.77 -25.60 -52.44
N LEU D 245 2.68 -24.88 -52.65
CA LEU D 245 1.48 -25.44 -53.28
C LEU D 245 1.49 -25.12 -54.77
N GLU D 246 1.27 -26.14 -55.60
CA GLU D 246 1.30 -25.99 -57.04
C GLU D 246 -0.08 -26.26 -57.63
N LEU D 247 -0.39 -25.57 -58.72
CA LEU D 247 -1.67 -25.71 -59.39
C LEU D 247 -1.51 -25.71 -60.90
N LEU E 89 52.91 13.54 54.24
CA LEU E 89 52.52 12.23 53.75
C LEU E 89 51.06 12.23 53.32
N LEU E 90 50.20 12.85 54.15
CA LEU E 90 48.80 12.97 53.80
C LEU E 90 48.60 13.76 52.51
N ASP E 91 49.57 14.61 52.14
CA ASP E 91 49.49 15.33 50.89
C ASP E 91 49.46 14.38 49.71
N ALA E 92 50.09 13.21 49.84
CA ALA E 92 50.15 12.21 48.78
C ALA E 92 49.66 10.89 49.35
N ALA E 93 48.37 10.63 49.23
CA ALA E 93 47.77 9.37 49.65
C ALA E 93 46.77 8.95 48.58
N PRO E 94 46.54 7.64 48.42
CA PRO E 94 45.59 7.20 47.40
C PRO E 94 44.18 7.73 47.66
N CYS E 95 43.46 7.99 46.58
CA CYS E 95 42.05 8.35 46.68
C CYS E 95 41.24 7.08 46.95
N GLU E 96 40.52 7.07 48.06
CA GLU E 96 39.71 5.91 48.40
C GLU E 96 38.32 6.04 47.81
N PRO E 97 37.86 5.11 46.98
CA PRO E 97 36.52 5.21 46.43
C PRO E 97 35.46 5.15 47.52
N GLU E 98 34.37 5.87 47.31
CA GLU E 98 33.30 5.99 48.28
C GLU E 98 32.03 5.34 47.75
N SER E 99 31.36 4.56 48.59
CA SER E 99 30.15 3.86 48.23
C SER E 99 29.11 4.02 49.34
N LEU E 100 27.89 3.60 49.04
CA LEU E 100 26.78 3.67 50.00
C LEU E 100 25.78 2.58 49.64
N GLU E 101 25.72 1.53 50.45
CA GLU E 101 24.77 0.45 50.21
C GLU E 101 23.33 0.95 50.30
N ILE E 102 23.10 2.05 51.04
CA ILE E 102 21.76 2.61 51.15
C ILE E 102 21.20 2.89 49.76
N ASN E 103 22.01 3.44 48.87
CA ASN E 103 21.60 3.64 47.49
C ASN E 103 21.74 2.39 46.64
N LYS E 104 22.66 1.49 46.99
CA LYS E 104 22.83 0.27 46.19
C LYS E 104 21.56 -0.56 46.19
N TYR E 105 20.94 -0.71 47.37
CA TYR E 105 19.72 -1.50 47.44
C TYR E 105 18.51 -0.75 46.87
N PHE E 106 18.54 0.58 46.91
CA PHE E 106 17.42 1.37 46.41
C PHE E 106 17.42 1.42 44.88
N VAL E 107 18.61 1.40 44.27
CA VAL E 107 18.71 1.38 42.82
C VAL E 107 18.07 0.11 42.25
N VAL E 108 18.14 -0.99 43.00
CA VAL E 108 17.52 -2.22 42.50
C VAL E 108 16.02 -2.05 42.33
N ILE E 109 15.35 -1.46 43.34
CA ILE E 109 13.92 -1.27 43.24
C ILE E 109 13.58 -0.25 42.16
N ILE E 110 14.39 0.80 42.03
CA ILE E 110 14.13 1.76 40.96
C ILE E 110 14.21 1.08 39.60
N TYR E 111 15.24 0.27 39.38
CA TYR E 111 15.39 -0.40 38.10
C TYR E 111 14.26 -1.40 37.86
N ALA E 112 13.85 -2.13 38.90
CA ALA E 112 12.75 -3.08 38.73
C ALA E 112 11.46 -2.35 38.37
N LEU E 113 11.18 -1.23 39.03
CA LEU E 113 9.97 -0.48 38.73
C LEU E 113 10.00 0.02 37.29
N VAL E 114 11.13 0.56 36.85
CA VAL E 114 11.22 1.05 35.47
C VAL E 114 11.09 -0.11 34.50
N PHE E 115 11.66 -1.26 34.83
CA PHE E 115 11.53 -2.45 33.99
C PHE E 115 10.06 -2.79 33.80
N LEU E 116 9.30 -2.88 34.88
CA LEU E 116 7.90 -3.27 34.78
C LEU E 116 7.12 -2.23 33.96
N LEU E 117 7.31 -0.94 34.25
CA LEU E 117 6.54 0.08 33.56
C LEU E 117 6.86 0.10 32.07
N SER E 118 8.15 0.03 31.71
CA SER E 118 8.52 0.02 30.30
C SER E 118 7.96 -1.21 29.60
N LEU E 119 8.08 -2.37 30.24
CA LEU E 119 7.53 -3.59 29.66
C LEU E 119 6.05 -3.42 29.35
N LEU E 120 5.27 -2.99 30.35
CA LEU E 120 3.83 -2.90 30.14
C LEU E 120 3.49 -1.87 29.06
N GLY E 121 4.09 -0.67 29.13
CA GLY E 121 3.74 0.37 28.18
C GLY E 121 4.10 0.00 26.75
N ASN E 122 5.32 -0.50 26.55
CA ASN E 122 5.75 -0.84 25.21
C ASN E 122 4.95 -2.02 24.67
N SER E 123 4.62 -2.99 25.52
CA SER E 123 3.79 -4.10 25.08
C SER E 123 2.42 -3.60 24.63
N LEU E 124 1.82 -2.68 25.38
CA LEU E 124 0.52 -2.15 24.97
C LEU E 124 0.61 -1.38 23.66
N VAL E 125 1.66 -0.58 23.49
CA VAL E 125 1.80 0.18 22.25
C VAL E 125 1.93 -0.79 21.07
N MET E 126 2.77 -1.82 21.23
CA MET E 126 2.94 -2.80 20.17
C MET E 126 1.63 -3.51 19.86
N LEU E 127 0.90 -3.92 20.89
CA LEU E 127 -0.36 -4.63 20.67
C LEU E 127 -1.35 -3.74 19.93
N VAL E 128 -1.47 -2.49 20.34
CA VAL E 128 -2.44 -1.59 19.71
C VAL E 128 -2.07 -1.36 18.26
N ILE E 129 -0.79 -1.15 17.96
CA ILE E 129 -0.40 -0.87 16.59
C ILE E 129 -0.54 -2.11 15.72
N LEU E 130 -0.18 -3.29 16.24
CA LEU E 130 -0.12 -4.50 15.44
C LEU E 130 -1.44 -5.26 15.39
N TYR E 131 -2.44 -4.86 16.18
CA TYR E 131 -3.69 -5.60 16.18
C TYR E 131 -4.47 -5.42 14.89
N SER E 132 -4.63 -4.18 14.45
CA SER E 132 -5.40 -3.86 13.25
C SER E 132 -4.50 -3.15 12.25
N ARG E 133 -4.47 -3.65 11.02
CA ARG E 133 -3.64 -3.09 9.96
C ARG E 133 -4.27 -1.88 9.31
N VAL E 134 -5.49 -1.52 9.69
CA VAL E 134 -6.17 -0.36 9.12
C VAL E 134 -5.58 0.91 9.70
N GLY E 135 -5.35 1.90 8.84
CA GLY E 135 -4.82 3.17 9.29
C GLY E 135 -3.41 3.11 9.81
N ARG E 136 -2.54 2.33 9.17
CA ARG E 136 -1.12 2.25 9.54
C ARG E 136 -0.39 3.35 8.79
N SER E 137 -0.04 4.42 9.51
CA SER E 137 0.58 5.59 8.92
C SER E 137 2.08 5.57 9.18
N VAL E 138 2.75 6.64 8.74
CA VAL E 138 4.18 6.79 8.99
C VAL E 138 4.45 6.86 10.49
N THR E 139 3.62 7.61 11.21
CA THR E 139 3.80 7.74 12.64
C THR E 139 3.68 6.40 13.34
N ASP E 140 2.76 5.55 12.88
CA ASP E 140 2.61 4.24 13.49
C ASP E 140 3.86 3.40 13.31
N VAL E 141 4.49 3.46 12.14
CA VAL E 141 5.71 2.71 11.91
C VAL E 141 6.82 3.22 12.81
N TYR E 142 6.97 4.55 12.89
CA TYR E 142 7.99 5.12 13.78
C TYR E 142 7.76 4.69 15.22
N LEU E 143 6.50 4.75 15.68
CA LEU E 143 6.20 4.37 17.05
C LEU E 143 6.46 2.90 17.30
N LEU E 144 6.18 2.05 16.31
CA LEU E 144 6.43 0.63 16.49
C LEU E 144 7.92 0.35 16.64
N ASN E 145 8.75 0.99 15.80
CA ASN E 145 10.20 0.82 15.96
C ASN E 145 10.66 1.35 17.32
N LEU E 146 10.14 2.51 17.73
CA LEU E 146 10.54 3.09 19.00
C LEU E 146 10.15 2.19 20.17
N ALA E 147 8.95 1.61 20.11
CA ALA E 147 8.52 0.69 21.15
C ALA E 147 9.40 -0.55 21.19
N LEU E 148 9.78 -1.07 20.02
CA LEU E 148 10.70 -2.20 20.01
C LEU E 148 12.02 -1.85 20.71
N ALA E 149 12.58 -0.69 20.38
CA ALA E 149 13.84 -0.29 20.98
C ALA E 149 13.72 -0.15 22.49
N ASP E 150 12.66 0.53 22.94
CA ASP E 150 12.48 0.73 24.37
C ASP E 150 12.25 -0.59 25.10
N LEU E 151 11.51 -1.51 24.48
CA LEU E 151 11.27 -2.81 25.10
C LEU E 151 12.56 -3.58 25.25
N LEU E 152 13.43 -3.55 24.23
CA LEU E 152 14.71 -4.24 24.35
C LEU E 152 15.58 -3.62 25.45
N PHE E 153 15.62 -2.29 25.51
CA PHE E 153 16.38 -1.62 26.56
C PHE E 153 15.89 -2.03 27.94
N ALA E 154 14.57 -1.99 28.13
CA ALA E 154 13.99 -2.40 29.41
C ALA E 154 14.32 -3.86 29.71
N LEU E 155 14.25 -4.72 28.70
CA LEU E 155 14.55 -6.12 28.89
C LEU E 155 15.99 -6.35 29.34
N THR E 156 16.91 -5.48 28.92
CA THR E 156 18.28 -5.54 29.42
C THR E 156 18.45 -4.94 30.81
N LEU E 157 17.54 -4.06 31.24
CA LEU E 157 17.73 -3.39 32.52
C LEU E 157 17.97 -4.32 33.71
N PRO E 158 17.22 -5.41 33.90
CA PRO E 158 17.39 -6.20 35.14
C PRO E 158 18.80 -6.74 35.36
N ILE E 159 19.49 -7.15 34.30
CA ILE E 159 20.86 -7.61 34.44
C ILE E 159 21.74 -6.47 34.93
N TRP E 160 21.50 -5.26 34.42
CA TRP E 160 22.23 -4.10 34.90
C TRP E 160 21.96 -3.85 36.38
N ALA E 161 20.71 -4.05 36.82
CA ALA E 161 20.39 -3.88 38.22
C ALA E 161 21.16 -4.88 39.09
N ALA E 162 21.17 -6.14 38.68
CA ALA E 162 21.93 -7.14 39.44
C ALA E 162 23.41 -6.81 39.48
N SER E 163 23.95 -6.35 38.35
CA SER E 163 25.35 -5.92 38.33
C SER E 163 25.59 -4.80 39.33
N LYS E 164 24.72 -3.79 39.34
CA LYS E 164 24.86 -2.72 40.32
C LYS E 164 24.81 -3.26 41.73
N VAL E 165 24.03 -4.32 41.95
CA VAL E 165 23.97 -4.91 43.28
C VAL E 165 25.31 -5.50 43.67
N ASN E 166 25.88 -6.37 42.83
CA ASN E 166 27.05 -7.12 43.22
C ASN E 166 28.20 -7.10 42.20
N GLY E 167 28.20 -6.16 41.27
CA GLY E 167 29.26 -6.10 40.27
C GLY E 167 29.07 -7.17 39.21
N TRP E 168 29.83 -7.03 38.14
CA TRP E 168 29.66 -7.93 36.99
C TRP E 168 30.30 -9.27 37.31
N ILE E 169 29.49 -10.19 37.85
CA ILE E 169 29.92 -11.54 38.12
C ILE E 169 29.45 -12.52 37.05
N PHE E 170 28.93 -12.01 35.94
CA PHE E 170 28.26 -12.84 34.95
C PHE E 170 29.17 -13.28 33.80
N GLY E 171 30.40 -12.83 33.75
CA GLY E 171 31.34 -13.25 32.74
C GLY E 171 31.47 -12.22 31.62
N THR E 172 32.45 -12.47 30.75
CA THR E 172 32.74 -11.55 29.65
C THR E 172 31.73 -11.64 28.53
N PHE E 173 31.25 -12.85 28.23
CA PHE E 173 30.32 -13.02 27.12
C PHE E 173 29.06 -12.19 27.34
N LEU E 174 28.47 -12.30 28.53
CA LEU E 174 27.27 -11.52 28.82
C LEU E 174 27.58 -10.04 28.91
N CYS E 175 28.76 -9.66 29.40
CA CYS E 175 29.14 -8.26 29.38
C CYS E 175 29.05 -7.71 27.96
N LYS E 176 29.71 -8.38 27.01
CA LYS E 176 29.69 -7.92 25.63
C LYS E 176 28.28 -7.91 25.06
N VAL E 177 27.54 -8.99 25.26
CA VAL E 177 26.22 -9.11 24.62
C VAL E 177 25.27 -8.05 25.16
N VAL E 178 25.17 -7.94 26.49
CA VAL E 178 24.25 -7.00 27.09
C VAL E 178 24.66 -5.57 26.76
N SER E 179 25.96 -5.28 26.78
CA SER E 179 26.40 -3.94 26.43
C SER E 179 26.02 -3.58 25.01
N LEU E 180 26.23 -4.52 24.08
CA LEU E 180 25.86 -4.27 22.69
C LEU E 180 24.37 -4.01 22.57
N LEU E 181 23.55 -4.84 23.19
CA LEU E 181 22.11 -4.64 23.09
C LEU E 181 21.69 -3.29 23.66
N LYS E 182 22.19 -2.96 24.86
CA LYS E 182 21.83 -1.71 25.50
C LYS E 182 22.21 -0.52 24.62
N GLU E 183 23.44 -0.48 24.12
CA GLU E 183 23.88 0.69 23.36
C GLU E 183 23.20 0.77 22.00
N VAL E 184 22.99 -0.38 21.34
CA VAL E 184 22.26 -0.37 20.08
C VAL E 184 20.89 0.25 20.27
N ASN E 185 20.18 -0.19 21.31
CA ASN E 185 18.83 0.32 21.51
C ASN E 185 18.83 1.77 21.97
N PHE E 186 19.84 2.20 22.71
CA PHE E 186 19.95 3.60 23.09
C PHE E 186 20.08 4.48 21.85
N TYR E 187 21.03 4.15 20.97
CA TYR E 187 21.21 4.92 19.75
C TYR E 187 19.94 4.88 18.89
N SER E 188 19.31 3.71 18.81
CA SER E 188 18.10 3.58 18.02
C SER E 188 17.00 4.49 18.55
N GLY E 189 16.81 4.53 19.86
CA GLY E 189 15.79 5.40 20.43
C GLY E 189 16.05 6.85 20.12
N ILE E 190 17.29 7.31 20.31
CA ILE E 190 17.58 8.72 20.07
C ILE E 190 17.35 9.07 18.61
N LEU E 191 17.85 8.23 17.70
CA LEU E 191 17.73 8.56 16.28
C LEU E 191 16.29 8.44 15.80
N LEU E 192 15.51 7.55 16.41
CA LEU E 192 14.09 7.48 16.07
C LEU E 192 13.34 8.72 16.54
N LEU E 193 13.71 9.26 17.71
CA LEU E 193 13.12 10.53 18.12
C LEU E 193 13.44 11.63 17.12
N ALA E 194 14.70 11.67 16.65
CA ALA E 194 15.05 12.67 15.64
C ALA E 194 14.27 12.46 14.35
N CYS E 195 14.08 11.21 13.94
CA CYS E 195 13.31 10.93 12.73
C CYS E 195 11.86 11.37 12.88
N ILE E 196 11.25 11.10 14.04
CA ILE E 196 9.89 11.55 14.27
C ILE E 196 9.81 13.06 14.20
N SER E 197 10.81 13.74 14.76
CA SER E 197 10.85 15.20 14.69
C SER E 197 10.88 15.68 13.25
N VAL E 198 11.75 15.10 12.42
CA VAL E 198 11.84 15.52 11.02
C VAL E 198 10.53 15.24 10.30
N ASP E 199 9.90 14.11 10.60
CA ASP E 199 8.63 13.76 9.97
C ASP E 199 7.57 14.79 10.29
N ARG E 200 7.44 15.17 11.56
CA ARG E 200 6.44 16.17 11.93
C ARG E 200 6.76 17.51 11.30
N TYR E 201 8.04 17.88 11.23
CA TYR E 201 8.42 19.10 10.54
C TYR E 201 7.92 19.09 9.10
N LEU E 202 8.22 18.02 8.37
CA LEU E 202 7.81 17.94 6.97
C LEU E 202 6.30 17.92 6.82
N ALA E 203 5.58 17.33 7.76
CA ALA E 203 4.14 17.25 7.66
C ALA E 203 3.44 18.57 7.98
N ILE E 204 3.99 19.38 8.87
CA ILE E 204 3.35 20.60 9.31
C ILE E 204 3.87 21.82 8.57
N VAL E 205 5.19 22.00 8.54
CA VAL E 205 5.77 23.19 7.90
C VAL E 205 5.56 23.13 6.39
N HIS E 206 6.05 22.07 5.75
CA HIS E 206 5.87 21.87 4.32
C HIS E 206 4.64 21.04 4.02
N ALA E 207 3.48 21.45 4.54
CA ALA E 207 2.26 20.75 4.21
C ALA E 207 1.78 21.10 2.81
N THR E 208 2.00 22.35 2.39
CA THR E 208 1.60 22.78 1.06
C THR E 208 2.65 22.46 0.00
N ARG E 209 3.88 22.19 0.40
CA ARG E 209 4.96 21.94 -0.55
C ARG E 209 5.05 20.46 -0.88
N THR E 210 5.84 20.13 -1.90
CA THR E 210 6.01 18.76 -2.37
C THR E 210 7.00 17.97 -1.54
N LEU E 211 7.74 18.62 -0.64
CA LEU E 211 8.71 17.91 0.17
C LEU E 211 8.05 16.95 1.15
N THR E 212 6.81 17.22 1.54
CA THR E 212 6.10 16.30 2.43
C THR E 212 5.98 14.91 1.86
N GLN E 213 5.95 14.78 0.53
CA GLN E 213 5.87 13.48 -0.11
C GLN E 213 7.10 12.61 0.18
N LYS E 214 8.20 13.20 0.62
CA LYS E 214 9.42 12.47 0.91
C LYS E 214 9.37 11.75 2.24
N ARG E 215 8.31 11.97 3.02
CA ARG E 215 8.15 11.32 4.31
C ARG E 215 7.46 9.96 4.21
N TYR E 216 7.35 9.42 2.99
CA TYR E 216 6.81 8.09 2.77
C TYR E 216 7.90 7.02 2.74
N LEU E 217 9.13 7.37 3.11
CA LEU E 217 10.26 6.46 3.13
C LEU E 217 10.51 5.89 4.52
N VAL E 218 9.45 5.69 5.31
CA VAL E 218 9.64 5.32 6.71
C VAL E 218 10.40 4.02 6.84
N LYS E 219 10.06 3.03 6.02
CA LYS E 219 10.65 1.71 6.21
C LYS E 219 12.16 1.76 6.04
N PHE E 220 12.63 2.40 4.98
CA PHE E 220 14.07 2.43 4.71
C PHE E 220 14.79 3.40 5.64
N ILE E 221 14.12 4.49 6.05
CA ILE E 221 14.74 5.38 7.02
C ILE E 221 14.93 4.66 8.35
N CYS E 222 13.92 3.92 8.80
CA CYS E 222 14.02 3.17 10.04
C CYS E 222 15.08 2.08 9.94
N LEU E 223 15.14 1.40 8.80
CA LEU E 223 16.15 0.38 8.60
C LEU E 223 17.56 0.99 8.63
N SER E 224 17.73 2.14 8.00
CA SER E 224 19.02 2.81 8.02
C SER E 224 19.39 3.26 9.43
N ILE E 225 18.42 3.73 10.20
CA ILE E 225 18.70 4.14 11.57
C ILE E 225 19.14 2.94 12.40
N TRP E 226 18.45 1.80 12.26
CA TRP E 226 18.87 0.61 12.97
C TRP E 226 20.27 0.18 12.56
N GLY E 227 20.59 0.26 11.27
CA GLY E 227 21.93 -0.08 10.83
C GLY E 227 23.00 0.84 11.39
N LEU E 228 22.72 2.15 11.40
CA LEU E 228 23.68 3.10 11.96
C LEU E 228 23.88 2.87 13.44
N SER E 229 22.80 2.56 14.16
CA SER E 229 22.91 2.26 15.58
C SER E 229 23.77 1.02 15.81
N LEU E 230 23.55 -0.02 15.00
CA LEU E 230 24.38 -1.21 15.13
C LEU E 230 25.84 -0.88 14.84
N LEU E 231 26.10 -0.02 13.86
CA LEU E 231 27.47 0.36 13.54
C LEU E 231 28.13 1.11 14.70
N LEU E 232 27.41 2.05 15.31
CA LEU E 232 27.98 2.88 16.37
C LEU E 232 28.19 2.12 17.67
N ALA E 233 27.62 0.93 17.81
CA ALA E 233 27.77 0.14 19.03
C ALA E 233 28.87 -0.90 18.92
N LEU E 234 29.61 -0.92 17.81
CA LEU E 234 30.68 -1.90 17.66
C LEU E 234 31.75 -1.77 18.73
N PRO E 235 32.25 -0.57 19.06
CA PRO E 235 33.34 -0.48 20.05
C PRO E 235 33.00 -1.12 21.38
N VAL E 236 31.73 -1.07 21.77
CA VAL E 236 31.30 -1.72 23.01
C VAL E 236 31.54 -3.22 22.92
N LEU E 237 31.17 -3.84 21.80
CA LEU E 237 31.36 -5.27 21.66
C LEU E 237 32.84 -5.63 21.53
N LEU E 238 33.61 -4.81 20.82
CA LEU E 238 34.99 -5.17 20.52
C LEU E 238 35.89 -5.09 21.74
N PHE E 239 35.73 -4.04 22.56
CA PHE E 239 36.68 -3.69 23.60
C PHE E 239 36.07 -3.73 25.00
N ARG E 240 35.36 -4.79 25.36
CA ARG E 240 34.75 -4.87 26.68
C ARG E 240 35.03 -6.23 27.32
N ARG E 241 35.34 -6.21 28.61
CA ARG E 241 35.59 -7.41 29.39
C ARG E 241 35.30 -7.10 30.85
N THR E 242 35.31 -8.15 31.67
CA THR E 242 35.16 -8.02 33.12
C THR E 242 36.52 -7.69 33.72
N VAL E 243 36.68 -6.46 34.17
CA VAL E 243 37.92 -5.98 34.75
C VAL E 243 37.81 -6.13 36.26
N TYR E 244 38.80 -6.79 36.87
CA TYR E 244 38.86 -6.99 38.31
C TYR E 244 39.86 -6.01 38.90
N SER E 245 39.42 -5.24 39.89
CA SER E 245 40.26 -4.29 40.58
C SER E 245 40.67 -4.86 41.94
N SER E 246 41.35 -4.06 42.75
CA SER E 246 41.74 -4.45 44.10
C SER E 246 40.97 -3.71 45.19
N ASN E 247 40.39 -2.55 44.88
CA ASN E 247 39.57 -1.82 45.83
C ASN E 247 38.13 -1.68 45.39
N VAL E 248 37.78 -2.15 44.19
CA VAL E 248 36.44 -2.06 43.65
C VAL E 248 36.05 -3.41 43.06
N SER E 249 34.76 -3.66 42.99
CA SER E 249 34.23 -4.92 42.50
C SER E 249 34.40 -5.02 40.99
N PRO E 250 34.31 -6.23 40.43
CA PRO E 250 34.50 -6.40 38.98
C PRO E 250 33.50 -5.56 38.19
N ALA E 251 33.95 -5.05 37.05
CA ALA E 251 33.11 -4.19 36.23
C ALA E 251 33.21 -4.58 34.77
N CYS E 252 32.08 -4.50 34.07
CA CYS E 252 32.05 -4.75 32.63
C CYS E 252 32.56 -3.49 31.94
N TYR E 253 33.89 -3.35 31.93
CA TYR E 253 34.58 -2.16 31.47
C TYR E 253 35.24 -2.42 30.12
N GLU E 254 35.99 -1.45 29.63
CA GLU E 254 36.72 -1.58 28.38
C GLU E 254 38.17 -1.95 28.64
N ASP E 255 38.80 -2.56 27.62
CA ASP E 255 40.21 -2.97 27.68
C ASP E 255 40.81 -2.71 26.31
N MET E 256 41.39 -1.51 26.12
CA MET E 256 41.95 -1.10 24.85
C MET E 256 43.47 -1.00 24.88
N GLY E 257 44.13 -1.58 25.88
CA GLY E 257 45.57 -1.56 25.97
C GLY E 257 46.04 -0.55 27.00
N ASN E 258 47.35 -0.26 26.94
CA ASN E 258 47.96 0.59 27.95
C ASN E 258 47.33 1.97 28.00
N ASN E 259 46.81 2.47 26.88
CA ASN E 259 46.22 3.80 26.81
C ASN E 259 44.70 3.74 26.79
N THR E 260 44.12 2.81 27.55
CA THR E 260 42.67 2.65 27.53
C THR E 260 41.95 3.91 27.99
N ALA E 261 42.55 4.67 28.90
CA ALA E 261 41.89 5.87 29.41
C ALA E 261 41.64 6.88 28.30
N ASN E 262 42.69 7.23 27.56
CA ASN E 262 42.56 8.23 26.50
C ASN E 262 41.67 7.73 25.37
N TRP E 263 41.82 6.46 24.98
CA TRP E 263 40.96 5.92 23.94
C TRP E 263 39.51 5.94 24.38
N ARG E 264 39.25 5.65 25.65
CA ARG E 264 37.89 5.72 26.16
C ARG E 264 37.35 7.14 26.10
N MET E 265 38.18 8.11 26.46
CA MET E 265 37.74 9.50 26.37
C MET E 265 37.40 9.87 24.93
N LEU E 266 38.19 9.41 23.97
CA LEU E 266 37.87 9.69 22.57
C LEU E 266 36.60 8.99 22.14
N LEU E 267 36.44 7.71 22.49
CA LEU E 267 35.23 6.98 22.16
C LEU E 267 34.00 7.62 22.78
N ARG E 268 34.17 8.39 23.86
CA ARG E 268 33.04 9.11 24.42
C ARG E 268 32.49 10.17 23.49
N ILE E 269 33.24 10.54 22.44
CA ILE E 269 32.76 11.56 21.52
C ILE E 269 31.55 11.07 20.74
N LEU E 270 31.53 9.77 20.39
CA LEU E 270 30.41 9.23 19.62
C LEU E 270 29.09 9.34 20.37
N PRO E 271 28.95 8.84 21.60
CA PRO E 271 27.67 8.98 22.29
C PRO E 271 27.27 10.41 22.58
N GLN E 272 28.21 11.34 22.61
CA GLN E 272 27.92 12.73 22.91
C GLN E 272 27.66 13.58 21.67
N SER E 273 27.96 13.08 20.48
CA SER E 273 27.71 13.81 19.23
C SER E 273 26.60 13.18 18.42
N PHE E 274 26.64 11.87 18.19
CA PHE E 274 25.56 11.15 17.54
C PHE E 274 24.49 10.72 18.53
N GLY E 275 24.66 11.02 19.81
CA GLY E 275 23.72 10.59 20.81
C GLY E 275 23.05 11.73 21.55
N PHE E 276 23.73 12.87 21.65
CA PHE E 276 23.10 14.05 22.25
C PHE E 276 23.05 15.24 21.30
N ILE E 277 24.20 15.65 20.77
CA ILE E 277 24.28 16.97 20.14
C ILE E 277 23.53 16.99 18.81
N VAL E 278 23.80 16.03 17.93
CA VAL E 278 23.21 16.03 16.61
C VAL E 278 21.69 15.84 16.72
N PRO E 279 21.22 14.82 17.45
CA PRO E 279 19.76 14.71 17.64
C PRO E 279 19.15 15.92 18.30
N LEU E 280 19.82 16.51 19.29
CA LEU E 280 19.27 17.68 19.95
C LEU E 280 19.12 18.83 18.98
N LEU E 281 20.12 19.07 18.14
CA LEU E 281 20.04 20.16 17.18
C LEU E 281 18.97 19.90 16.13
N ILE E 282 18.86 18.66 15.64
CA ILE E 282 17.81 18.35 14.68
C ILE E 282 16.45 18.58 15.29
N MET E 283 16.24 18.09 16.51
CA MET E 283 14.96 18.27 17.17
C MET E 283 14.66 19.75 17.40
N LEU E 284 15.66 20.51 17.85
CA LEU E 284 15.43 21.92 18.10
C LEU E 284 15.04 22.65 16.82
N PHE E 285 15.78 22.44 15.73
CA PHE E 285 15.45 23.10 14.47
C PHE E 285 14.04 22.72 14.02
N CYS E 286 13.77 21.42 13.94
CA CYS E 286 12.50 20.96 13.40
C CYS E 286 11.33 21.46 14.23
N TYR E 287 11.39 21.27 15.55
CA TYR E 287 10.28 21.68 16.40
C TYR E 287 10.17 23.20 16.53
N GLY E 288 11.27 23.93 16.43
CA GLY E 288 11.17 25.38 16.45
C GLY E 288 10.44 25.91 15.24
N PHE E 289 10.77 25.40 14.05
CA PHE E 289 10.03 25.85 12.87
C PHE E 289 8.61 25.34 12.88
N THR E 290 8.37 24.13 13.40
CA THR E 290 7.02 23.63 13.53
C THR E 290 6.18 24.53 14.43
N LEU E 291 6.75 24.95 15.55
CA LEU E 291 6.05 25.87 16.45
C LEU E 291 5.81 27.21 15.77
N ARG E 292 6.78 27.70 15.01
CA ARG E 292 6.57 28.97 14.33
C ARG E 292 5.39 28.89 13.36
N THR E 293 5.27 27.77 12.64
CA THR E 293 4.14 27.63 11.72
C THR E 293 2.83 27.46 12.47
N LEU E 294 2.82 26.65 13.53
CA LEU E 294 1.58 26.44 14.27
C LEU E 294 1.08 27.71 14.92
N PHE E 295 1.97 28.50 15.53
CA PHE E 295 1.52 29.70 16.25
C PHE E 295 0.78 30.66 15.33
N LYS E 296 1.15 30.71 14.06
CA LYS E 296 0.50 31.57 13.08
C LYS E 296 -0.73 30.90 12.45
N ALA E 297 -1.00 29.65 12.77
CA ALA E 297 -2.17 28.95 12.26
C ALA E 297 -3.43 29.40 12.98
N HIS E 298 -4.57 28.96 12.46
CA HIS E 298 -5.87 29.34 13.00
C HIS E 298 -6.68 28.13 13.47
N MET E 299 -6.03 26.99 13.68
CA MET E 299 -6.74 25.79 14.08
C MET E 299 -7.24 25.91 15.51
N GLY E 300 -8.19 25.04 15.86
CA GLY E 300 -8.64 24.96 17.24
C GLY E 300 -7.78 24.05 18.09
N GLN E 301 -7.05 23.12 17.47
CA GLN E 301 -6.20 22.19 18.19
C GLN E 301 -4.73 22.57 18.11
N LYS E 302 -4.42 23.80 17.72
CA LYS E 302 -3.02 24.23 17.70
C LYS E 302 -2.42 24.18 19.09
N HIS E 303 -3.20 24.61 20.10
CA HIS E 303 -2.66 24.77 21.44
C HIS E 303 -2.21 23.43 22.03
N ARG E 304 -3.03 22.40 21.87
CA ARG E 304 -2.64 21.09 22.39
C ARG E 304 -1.39 20.59 21.69
N ALA E 305 -1.29 20.81 20.38
CA ALA E 305 -0.10 20.39 19.65
C ALA E 305 1.15 21.11 20.15
N MET E 306 1.03 22.41 20.41
CA MET E 306 2.17 23.16 20.93
C MET E 306 2.57 22.65 22.31
N ARG E 307 1.59 22.37 23.18
CA ARG E 307 1.92 21.82 24.48
C ARG E 307 2.62 20.48 24.36
N VAL E 308 2.15 19.63 23.44
CA VAL E 308 2.76 18.32 23.27
C VAL E 308 4.19 18.46 22.77
N ILE E 309 4.43 19.37 21.84
CA ILE E 309 5.79 19.60 21.35
C ILE E 309 6.70 20.07 22.48
N PHE E 310 6.21 21.01 23.29
CA PHE E 310 7.00 21.49 24.42
C PHE E 310 7.32 20.35 25.37
N ALA E 311 6.32 19.51 25.67
CA ALA E 311 6.55 18.40 26.59
C ALA E 311 7.58 17.44 26.02
N VAL E 312 7.50 17.14 24.72
CA VAL E 312 8.46 16.23 24.12
C VAL E 312 9.89 16.77 24.29
N VAL E 313 10.08 18.04 23.94
CA VAL E 313 11.42 18.61 24.01
C VAL E 313 11.92 18.64 25.46
N LEU E 314 11.05 19.06 26.39
CA LEU E 314 11.46 19.14 27.79
C LEU E 314 11.80 17.78 28.35
N ILE E 315 11.03 16.75 28.00
CA ILE E 315 11.33 15.40 28.49
C ILE E 315 12.66 14.93 27.94
N PHE E 316 12.92 15.16 26.65
CA PHE E 316 14.21 14.79 26.09
C PHE E 316 15.36 15.46 26.85
N LEU E 317 15.23 16.76 27.08
CA LEU E 317 16.29 17.48 27.80
C LEU E 317 16.45 16.93 29.21
N LEU E 318 15.35 16.83 29.96
CA LEU E 318 15.43 16.33 31.33
C LEU E 318 16.10 14.96 31.37
N CYS E 319 15.80 14.10 30.39
CA CYS E 319 16.35 12.77 30.41
C CYS E 319 17.84 12.77 30.13
N TRP E 320 18.29 13.54 29.13
CA TRP E 320 19.63 13.32 28.60
C TRP E 320 20.64 14.43 28.89
N LEU E 321 20.21 15.67 29.09
CA LEU E 321 21.17 16.75 29.31
C LEU E 321 21.98 16.56 30.58
N PRO E 322 21.39 16.23 31.73
CA PRO E 322 22.22 16.05 32.94
C PRO E 322 23.32 15.01 32.79
N TYR E 323 22.99 13.86 32.18
CA TYR E 323 23.98 12.81 32.02
C TYR E 323 25.16 13.28 31.17
N ASN E 324 24.87 13.98 30.07
CA ASN E 324 25.93 14.43 29.19
C ASN E 324 26.72 15.57 29.81
N LEU E 325 26.07 16.43 30.60
CA LEU E 325 26.82 17.44 31.34
C LEU E 325 27.79 16.80 32.32
N VAL E 326 27.35 15.79 33.06
CA VAL E 326 28.23 15.12 33.99
C VAL E 326 29.36 14.42 33.24
N LEU E 327 29.05 13.82 32.10
CA LEU E 327 30.08 13.16 31.31
C LEU E 327 31.12 14.15 30.82
N LEU E 328 30.68 15.32 30.35
CA LEU E 328 31.62 16.35 29.94
C LEU E 328 32.46 16.83 31.12
N ALA E 329 31.85 16.95 32.30
CA ALA E 329 32.62 17.35 33.46
C ALA E 329 33.71 16.32 33.77
N ASP E 330 33.37 15.04 33.68
CA ASP E 330 34.37 14.00 33.90
C ASP E 330 35.48 14.08 32.86
N THR E 331 35.12 14.27 31.59
CA THR E 331 36.11 14.36 30.53
C THR E 331 37.04 15.54 30.76
N LEU E 332 36.49 16.68 31.16
CA LEU E 332 37.32 17.83 31.47
C LEU E 332 38.25 17.55 32.64
N MET E 333 37.74 16.89 33.69
CA MET E 333 38.57 16.60 34.85
C MET E 333 39.72 15.67 34.49
N ARG E 334 39.45 14.63 33.70
CA ARG E 334 40.51 13.68 33.36
C ARG E 334 41.63 14.34 32.57
N THR E 335 41.32 15.39 31.82
CA THR E 335 42.30 16.06 30.97
C THR E 335 43.00 17.21 31.67
N GLN E 336 42.83 17.35 32.99
CA GLN E 336 43.47 18.37 33.80
C GLN E 336 42.92 19.77 33.55
N VAL E 337 41.83 19.90 32.79
CA VAL E 337 41.21 21.21 32.61
C VAL E 337 40.67 21.71 33.93
N ILE E 338 40.01 20.84 34.69
CA ILE E 338 39.54 21.15 36.04
C ILE E 338 40.40 20.38 37.03
N GLN E 339 40.88 21.07 38.06
CA GLN E 339 41.77 20.42 39.02
C GLN E 339 41.07 19.23 39.66
N GLU E 340 41.86 18.18 39.93
CA GLU E 340 41.34 16.89 40.34
C GLU E 340 41.61 16.65 41.82
N THR E 341 40.60 16.14 42.53
CA THR E 341 40.73 15.77 43.92
C THR E 341 39.81 14.59 44.22
N CYS E 342 40.04 13.94 45.35
CA CYS E 342 39.25 12.77 45.71
C CYS E 342 37.77 13.12 45.81
N GLU E 343 37.46 14.23 46.49
CA GLU E 343 36.06 14.61 46.68
C GLU E 343 35.38 14.90 45.35
N ARG E 344 36.09 15.56 44.43
CA ARG E 344 35.51 15.82 43.12
C ARG E 344 35.21 14.51 42.40
N ARG E 345 36.09 13.52 42.53
CA ARG E 345 35.82 12.21 41.93
C ARG E 345 34.57 11.60 42.53
N ASN E 346 34.42 11.67 43.85
CA ASN E 346 33.23 11.11 44.48
C ASN E 346 31.98 11.82 43.98
N HIS E 347 32.05 13.14 43.86
CA HIS E 347 30.90 13.90 43.37
C HIS E 347 30.53 13.49 41.96
N ILE E 348 31.53 13.33 41.09
CA ILE E 348 31.24 12.95 39.71
C ILE E 348 30.68 11.54 39.65
N ASP E 349 31.16 10.63 40.49
CA ASP E 349 30.62 9.27 40.49
C ASP E 349 29.16 9.26 40.94
N ARG E 350 28.84 9.98 42.01
CA ARG E 350 27.46 10.05 42.46
C ARG E 350 26.57 10.68 41.40
N ALA E 351 27.06 11.74 40.75
CA ALA E 351 26.30 12.38 39.70
C ALA E 351 26.06 11.42 38.54
N LEU E 352 27.07 10.64 38.17
CA LEU E 352 26.91 9.68 37.10
C LEU E 352 25.84 8.66 37.44
N ASP E 353 25.86 8.14 38.67
CA ASP E 353 24.85 7.16 39.06
C ASP E 353 23.45 7.77 38.99
N ALA E 354 23.27 8.96 39.57
CA ALA E 354 21.95 9.58 39.60
C ALA E 354 21.47 9.87 38.18
N THR E 355 22.34 10.38 37.33
CA THR E 355 21.94 10.74 35.97
C THR E 355 21.67 9.52 35.11
N GLU E 356 22.37 8.41 35.35
CA GLU E 356 22.01 7.18 34.66
C GLU E 356 20.60 6.74 35.06
N ILE E 357 20.29 6.79 36.36
CA ILE E 357 18.93 6.46 36.77
C ILE E 357 17.93 7.37 36.07
N LEU E 358 18.23 8.67 36.03
CA LEU E 358 17.32 9.62 35.40
C LEU E 358 17.12 9.32 33.92
N GLY E 359 18.21 9.03 33.21
CA GLY E 359 18.09 8.80 31.78
C GLY E 359 17.40 7.49 31.44
N ILE E 360 17.45 6.52 32.37
CA ILE E 360 16.81 5.23 32.12
C ILE E 360 15.29 5.35 32.01
N LEU E 361 14.72 6.50 32.36
CA LEU E 361 13.27 6.68 32.35
C LEU E 361 12.71 6.99 30.97
N HIS E 362 13.56 7.15 29.94
CA HIS E 362 13.05 7.45 28.61
C HIS E 362 12.19 6.31 28.09
N SER E 363 12.57 5.06 28.38
CA SER E 363 11.79 3.92 27.92
C SER E 363 10.40 3.94 28.54
N CYS E 364 10.28 4.36 29.80
CA CYS E 364 8.98 4.45 30.44
C CYS E 364 8.17 5.62 29.90
N LEU E 365 8.82 6.75 29.64
CA LEU E 365 8.10 7.97 29.31
C LEU E 365 7.78 8.11 27.83
N ASN E 366 8.44 7.36 26.95
CA ASN E 366 8.20 7.47 25.52
C ASN E 366 6.77 7.04 25.17
N PRO E 367 6.30 5.89 25.66
CA PRO E 367 4.93 5.48 25.32
C PRO E 367 3.87 6.48 25.71
N LEU E 368 4.05 7.18 26.84
CA LEU E 368 3.04 8.15 27.26
C LEU E 368 3.09 9.41 26.41
N ILE E 369 4.28 9.79 25.94
CA ILE E 369 4.43 11.07 25.27
C ILE E 369 4.12 10.96 23.78
N TYR E 370 4.55 9.88 23.14
CA TYR E 370 4.43 9.77 21.69
C TYR E 370 3.23 8.94 21.25
N ALA E 371 2.81 7.96 22.04
CA ALA E 371 1.78 7.02 21.62
C ALA E 371 0.42 7.33 22.24
N PHE E 372 0.34 7.42 23.56
CA PHE E 372 -0.96 7.53 24.22
C PHE E 372 -1.40 8.97 24.42
N ILE E 373 -0.65 9.95 23.92
CA ILE E 373 -1.09 11.34 23.97
C ILE E 373 -1.99 11.71 22.81
N GLY E 374 -2.24 10.78 21.89
CA GLY E 374 -3.08 11.03 20.73
C GLY E 374 -4.36 10.21 20.83
N GLN E 375 -5.44 10.74 20.27
CA GLN E 375 -6.74 10.08 20.40
C GLN E 375 -6.78 8.75 19.67
N LYS E 376 -6.06 8.63 18.56
CA LYS E 376 -6.12 7.40 17.78
C LYS E 376 -5.68 6.21 18.62
N PHE E 377 -4.55 6.32 19.31
CA PHE E 377 -4.05 5.20 20.10
C PHE E 377 -4.97 4.86 21.25
N ARG E 378 -5.51 5.88 21.93
CA ARG E 378 -6.40 5.59 23.04
C ARG E 378 -7.67 4.89 22.55
N HIS E 379 -8.24 5.36 21.44
CA HIS E 379 -9.42 4.69 20.90
C HIS E 379 -9.10 3.25 20.52
N GLY E 380 -7.95 3.03 19.87
CA GLY E 380 -7.55 1.67 19.54
C GLY E 380 -7.43 0.80 20.78
N LEU E 381 -6.75 1.30 21.80
CA LEU E 381 -6.56 0.52 23.03
C LEU E 381 -7.89 0.16 23.65
N LEU E 382 -8.83 1.10 23.68
CA LEU E 382 -10.15 0.79 24.20
C LEU E 382 -10.83 -0.27 23.35
N LYS E 383 -10.66 -0.19 22.03
CA LYS E 383 -11.27 -1.18 21.14
C LYS E 383 -10.72 -2.58 21.43
N ILE E 384 -9.41 -2.70 21.60
CA ILE E 384 -8.80 -4.02 21.77
C ILE E 384 -9.29 -4.67 23.05
N LEU E 385 -9.43 -3.89 24.13
CA LEU E 385 -9.76 -4.46 25.42
C LEU E 385 -11.07 -5.25 25.39
N ALA E 386 -11.98 -4.93 24.47
CA ALA E 386 -13.25 -5.64 24.38
C ALA E 386 -13.03 -7.11 24.04
N ALA F 1 34.27 -4.53 47.46
CA ALA F 1 33.04 -4.21 48.17
C ALA F 1 32.34 -2.97 47.61
N PRO F 2 33.09 -1.94 47.25
CA PRO F 2 32.49 -0.76 46.62
C PRO F 2 32.14 -1.03 45.16
N LEU F 3 31.56 -0.03 44.52
CA LEU F 3 31.17 -0.10 43.12
C LEU F 3 31.65 1.15 42.40
N ALA F 4 31.76 1.03 41.08
CA ALA F 4 32.15 2.17 40.25
C ALA F 4 31.94 1.80 38.79
N THR F 5 31.45 2.78 38.03
CA THR F 5 31.35 2.66 36.58
C THR F 5 32.43 3.48 35.88
N GLU F 6 33.41 3.98 36.62
CA GLU F 6 34.51 4.76 36.04
C GLU F 6 35.77 4.43 36.85
N LEU F 7 36.59 3.54 36.31
CA LEU F 7 37.85 3.20 36.96
C LEU F 7 38.83 4.35 36.81
N ARG F 8 39.46 4.73 37.92
CA ARG F 8 40.35 5.87 37.94
C ARG F 8 41.65 5.49 38.64
N CYS F 9 42.68 6.30 38.40
CA CYS F 9 43.97 6.05 38.99
C CYS F 9 43.88 6.12 40.52
N GLN F 10 44.78 5.41 41.18
CA GLN F 10 44.79 5.32 42.64
C GLN F 10 45.73 6.33 43.28
N CYS F 11 46.32 7.24 42.50
CA CYS F 11 47.24 8.23 43.04
C CYS F 11 47.10 9.53 42.27
N LEU F 12 46.96 10.63 43.00
CA LEU F 12 46.90 11.96 42.41
C LEU F 12 48.28 12.62 42.33
N GLN F 13 49.10 12.46 43.36
CA GLN F 13 50.47 12.91 43.34
C GLN F 13 51.31 11.94 44.16
N THR F 14 52.62 11.94 43.89
CA THR F 14 53.50 10.92 44.43
C THR F 14 54.67 11.58 45.16
N LEU F 15 55.27 10.81 46.06
CA LEU F 15 56.44 11.24 46.81
C LEU F 15 57.57 10.24 46.60
N GLN F 16 58.74 10.59 47.10
CA GLN F 16 59.93 9.77 46.98
C GLN F 16 60.75 9.86 48.27
N GLY F 17 61.07 8.70 48.84
CA GLY F 17 61.92 8.66 50.02
C GLY F 17 61.31 7.96 51.22
N ILE F 18 60.20 7.25 51.03
CA ILE F 18 59.60 6.51 52.13
C ILE F 18 60.62 5.53 52.69
N HIS F 19 60.84 5.59 54.00
CA HIS F 19 61.88 4.78 54.62
C HIS F 19 61.41 3.33 54.74
N LEU F 20 62.29 2.40 54.34
CA LEU F 20 61.94 0.98 54.37
C LEU F 20 61.52 0.52 55.76
N LYS F 21 62.12 1.10 56.80
CA LYS F 21 61.79 0.69 58.16
C LYS F 21 60.30 0.82 58.46
N ASN F 22 59.63 1.74 57.78
CA ASN F 22 58.21 2.00 57.98
C ASN F 22 57.34 1.35 56.91
N ILE F 23 57.91 0.54 56.03
CA ILE F 23 57.17 -0.10 54.94
C ILE F 23 56.76 -1.49 55.39
N GLN F 24 55.47 -1.80 55.26
CA GLN F 24 54.98 -3.15 55.48
C GLN F 24 54.81 -3.91 54.17
N SER F 25 54.30 -3.24 53.13
CA SER F 25 54.14 -3.89 51.84
C SER F 25 54.19 -2.84 50.75
N VAL F 26 54.45 -3.28 49.52
CA VAL F 26 54.47 -2.43 48.34
C VAL F 26 53.69 -3.10 47.24
N LYS F 27 52.82 -2.35 46.58
CA LYS F 27 52.03 -2.84 45.46
C LYS F 27 52.40 -2.05 44.21
N VAL F 28 52.66 -2.77 43.12
CA VAL F 28 52.98 -2.18 41.83
C VAL F 28 51.93 -2.62 40.83
N LYS F 29 51.32 -1.66 40.15
CA LYS F 29 50.26 -1.91 39.18
C LYS F 29 50.67 -1.32 37.84
N SER F 30 50.70 -2.17 36.82
CA SER F 30 51.12 -1.75 35.49
C SER F 30 49.98 -1.06 34.76
N PRO F 31 50.30 -0.31 33.69
CA PRO F 31 49.24 0.40 32.97
C PRO F 31 48.19 -0.56 32.43
N GLY F 32 46.96 -0.07 32.40
CA GLY F 32 45.84 -0.89 32.00
C GLY F 32 44.56 -0.10 31.91
N PRO F 33 43.41 -0.77 31.95
CA PRO F 33 42.13 -0.06 31.86
C PRO F 33 41.88 0.89 33.00
N HIS F 34 42.71 0.84 34.05
CA HIS F 34 42.53 1.73 35.18
C HIS F 34 43.23 3.07 34.96
N CYS F 35 44.55 3.03 34.78
CA CYS F 35 45.35 4.23 34.61
C CYS F 35 46.35 4.03 33.48
N ALA F 36 46.78 5.14 32.90
CA ALA F 36 47.76 5.11 31.82
C ALA F 36 49.20 5.09 32.31
N GLN F 37 49.41 5.11 33.63
CA GLN F 37 50.74 5.13 34.21
C GLN F 37 50.85 4.07 35.29
N THR F 38 52.05 3.56 35.48
CA THR F 38 52.30 2.60 36.55
C THR F 38 52.10 3.27 37.90
N GLU F 39 51.56 2.51 38.86
CA GLU F 39 51.28 3.01 40.19
C GLU F 39 52.03 2.18 41.21
N VAL F 40 52.68 2.86 42.16
CA VAL F 40 53.34 2.22 43.28
C VAL F 40 52.72 2.74 44.56
N ILE F 41 52.23 1.84 45.40
CA ILE F 41 51.54 2.20 46.63
C ILE F 41 52.17 1.41 47.77
N ALA F 42 52.74 2.11 48.75
CA ALA F 42 53.35 1.46 49.89
C ALA F 42 52.42 1.54 51.10
N THR F 43 52.08 0.38 51.65
CA THR F 43 51.31 0.30 52.89
C THR F 43 52.28 0.19 54.05
N LEU F 44 52.25 1.17 54.93
CA LEU F 44 53.18 1.24 56.06
C LEU F 44 52.69 0.37 57.21
N LYS F 45 53.56 0.21 58.21
CA LYS F 45 53.24 -0.62 59.37
C LYS F 45 52.13 -0.02 60.23
N ASN F 46 51.87 1.27 60.13
CA ASN F 46 50.83 1.92 60.91
C ASN F 46 49.51 2.01 60.18
N GLY F 47 49.42 1.47 58.96
CA GLY F 47 48.20 1.48 58.18
C GLY F 47 48.13 2.57 57.13
N GLN F 48 48.98 3.59 57.23
CA GLN F 48 48.96 4.66 56.23
C GLN F 48 49.47 4.16 54.89
N LYS F 49 48.81 4.62 53.83
CA LYS F 49 49.18 4.29 52.46
C LYS F 49 49.78 5.51 51.79
N ALA F 50 50.95 5.33 51.16
CA ALA F 50 51.67 6.42 50.53
C ALA F 50 51.98 6.05 49.09
N CYS F 51 51.59 6.90 48.15
CA CYS F 51 51.94 6.69 46.76
C CYS F 51 53.41 7.04 46.53
N LEU F 52 54.02 6.40 45.55
CA LEU F 52 55.43 6.59 45.23
C LEU F 52 55.60 6.85 43.74
N ASN F 53 56.69 7.51 43.40
CA ASN F 53 56.99 7.82 42.00
C ASN F 53 57.74 6.65 41.36
N PRO F 54 57.19 5.99 40.34
CA PRO F 54 57.89 4.83 39.76
C PRO F 54 59.24 5.18 39.17
N ALA F 55 59.43 6.40 38.65
CA ALA F 55 60.67 6.74 37.99
C ALA F 55 61.82 6.91 38.96
N SER F 56 61.54 7.28 40.21
CA SER F 56 62.61 7.59 41.15
C SER F 56 63.46 6.35 41.40
N PRO F 57 64.79 6.46 41.46
CA PRO F 57 65.61 5.29 41.80
C PRO F 57 65.31 4.74 43.19
N MET F 58 64.80 5.59 44.08
CA MET F 58 64.55 5.15 45.45
C MET F 58 63.54 4.01 45.49
N VAL F 59 62.49 4.10 44.66
CA VAL F 59 61.48 3.06 44.63
C VAL F 59 62.10 1.74 44.19
N LYS F 60 62.92 1.78 43.14
CA LYS F 60 63.56 0.56 42.66
C LYS F 60 64.46 -0.04 43.73
N LYS F 61 65.24 0.81 44.41
CA LYS F 61 66.11 0.31 45.46
C LYS F 61 65.30 -0.33 46.58
N ILE F 62 64.22 0.32 46.99
CA ILE F 62 63.40 -0.21 48.08
C ILE F 62 62.83 -1.56 47.68
N ILE F 63 62.32 -1.66 46.45
CA ILE F 63 61.71 -2.91 46.02
C ILE F 63 62.75 -4.03 45.95
N GLU F 64 63.94 -3.72 45.43
CA GLU F 64 64.96 -4.76 45.30
C GLU F 64 65.43 -5.21 46.69
N LYS F 65 65.60 -4.28 47.62
CA LYS F 65 65.98 -4.67 48.97
C LYS F 65 64.90 -5.51 49.62
N MET F 66 63.63 -5.14 49.42
CA MET F 66 62.54 -5.94 49.97
C MET F 66 62.55 -7.35 49.40
N LEU F 67 62.74 -7.47 48.09
CA LEU F 67 62.77 -8.79 47.47
C LEU F 67 63.94 -9.62 47.99
N LYS F 68 65.11 -8.99 48.16
CA LYS F 68 66.27 -9.72 48.65
C LYS F 68 65.99 -10.38 49.99
N ASN F 69 65.25 -9.69 50.85
CA ASN F 69 64.88 -10.24 52.16
C ASN F 69 66.12 -10.59 52.97
N CYS G 9 51.13 -16.15 56.85
CA CYS G 9 51.56 -16.36 55.48
C CYS G 9 50.37 -16.67 54.58
N GLN G 10 50.30 -15.98 53.45
CA GLN G 10 49.24 -16.20 52.47
C GLN G 10 49.63 -17.19 51.38
N CYS G 11 50.82 -17.78 51.46
CA CYS G 11 51.31 -18.69 50.43
C CYS G 11 51.93 -19.92 51.09
N LEU G 12 51.62 -21.10 50.53
CA LEU G 12 52.21 -22.35 50.97
C LEU G 12 53.26 -22.87 49.98
N GLN G 13 52.84 -23.02 48.73
CA GLN G 13 53.79 -23.43 47.68
C GLN G 13 53.67 -22.43 46.53
N THR G 14 54.80 -22.04 45.94
CA THR G 14 54.80 -21.06 44.87
C THR G 14 54.34 -21.68 43.57
N LEU G 15 53.86 -20.83 42.66
CA LEU G 15 53.37 -21.24 41.35
C LEU G 15 54.38 -20.88 40.27
N GLN G 16 54.11 -21.36 39.07
CA GLN G 16 54.95 -21.09 37.91
C GLN G 16 54.09 -21.07 36.66
N GLY G 17 54.63 -20.50 35.59
CA GLY G 17 53.92 -20.38 34.34
C GLY G 17 53.18 -19.07 34.14
N ILE G 18 53.45 -18.07 34.95
CA ILE G 18 52.75 -16.79 34.87
C ILE G 18 53.52 -15.88 33.91
N HIS G 19 52.89 -15.57 32.77
CA HIS G 19 53.48 -14.63 31.82
C HIS G 19 53.12 -13.20 32.17
N LEU G 20 54.00 -12.27 31.80
CA LEU G 20 53.75 -10.86 32.06
C LEU G 20 52.48 -10.37 31.36
N LYS G 21 52.04 -11.05 30.31
CA LYS G 21 50.83 -10.65 29.60
C LYS G 21 49.56 -10.99 30.37
N ASN G 22 49.64 -11.82 31.41
CA ASN G 22 48.48 -12.19 32.22
C ASN G 22 48.49 -11.56 33.60
N ILE G 23 49.58 -10.92 34.00
CA ILE G 23 49.67 -10.30 35.33
C ILE G 23 49.03 -8.93 35.28
N GLN G 24 48.19 -8.63 36.27
CA GLN G 24 47.61 -7.30 36.40
C GLN G 24 48.32 -6.47 37.46
N SER G 25 48.71 -7.09 38.57
CA SER G 25 49.42 -6.37 39.61
C SER G 25 50.25 -7.34 40.42
N VAL G 26 51.22 -6.80 41.17
CA VAL G 26 52.09 -7.58 42.05
C VAL G 26 52.17 -6.87 43.39
N LYS G 27 52.01 -7.64 44.47
CA LYS G 27 52.10 -7.13 45.82
C LYS G 27 53.19 -7.87 46.57
N VAL G 28 54.13 -7.13 47.14
CA VAL G 28 55.27 -7.70 47.85
C VAL G 28 55.09 -7.38 49.33
N LYS G 29 55.02 -8.42 50.16
CA LYS G 29 54.83 -8.26 51.59
C LYS G 29 56.08 -8.72 52.32
N SER G 30 56.63 -7.86 53.17
CA SER G 30 57.87 -8.12 53.87
C SER G 30 57.62 -8.93 55.13
N PRO G 31 58.67 -9.50 55.73
CA PRO G 31 58.48 -10.30 56.94
C PRO G 31 57.93 -9.47 58.08
N GLY G 32 57.17 -10.14 58.95
CA GLY G 32 56.57 -9.50 60.10
C GLY G 32 55.80 -10.49 60.94
N PRO G 33 55.00 -10.00 61.88
CA PRO G 33 54.20 -10.92 62.70
C PRO G 33 53.27 -11.80 61.89
N HIS G 34 52.77 -11.30 60.76
CA HIS G 34 51.91 -12.12 59.91
C HIS G 34 52.65 -13.34 59.38
N CYS G 35 53.89 -13.16 58.94
CA CYS G 35 54.66 -14.26 58.35
C CYS G 35 56.14 -13.93 58.48
N ALA G 36 56.96 -14.97 58.67
CA ALA G 36 58.39 -14.80 58.80
C ALA G 36 59.13 -14.83 57.47
N GLN G 37 58.44 -15.13 56.38
CA GLN G 37 59.05 -15.20 55.05
C GLN G 37 58.41 -14.18 54.12
N THR G 38 59.24 -13.50 53.35
CA THR G 38 58.76 -12.54 52.37
C THR G 38 57.86 -13.24 51.36
N GLU G 39 56.78 -12.55 50.98
CA GLU G 39 55.79 -13.13 50.07
C GLU G 39 55.56 -12.20 48.89
N VAL G 40 55.26 -12.80 47.74
CA VAL G 40 54.90 -12.06 46.54
C VAL G 40 53.62 -12.67 45.99
N ILE G 41 52.59 -11.85 45.83
CA ILE G 41 51.27 -12.30 45.38
C ILE G 41 50.91 -11.49 44.16
N ALA G 42 50.69 -12.16 43.03
CA ALA G 42 50.36 -11.51 41.78
C ALA G 42 48.89 -11.72 41.47
N THR G 43 48.20 -10.61 41.19
CA THR G 43 46.82 -10.63 40.76
C THR G 43 46.80 -10.62 39.24
N LEU G 44 46.24 -11.69 38.66
CA LEU G 44 46.15 -11.84 37.21
C LEU G 44 44.91 -11.12 36.69
N LYS G 45 44.85 -10.95 35.37
CA LYS G 45 43.76 -10.22 34.75
C LYS G 45 42.42 -10.95 34.90
N ASN G 46 42.43 -12.23 35.25
CA ASN G 46 41.20 -13.00 35.43
C ASN G 46 40.75 -13.04 36.89
N GLY G 47 41.42 -12.31 37.77
CA GLY G 47 41.04 -12.21 39.16
C GLY G 47 41.74 -13.21 40.07
N GLN G 48 42.29 -14.29 39.50
CA GLN G 48 42.96 -15.28 40.32
C GLN G 48 44.28 -14.73 40.87
N LYS G 49 44.65 -15.20 42.05
CA LYS G 49 45.86 -14.77 42.73
C LYS G 49 46.88 -15.90 42.72
N ALA G 50 48.12 -15.58 42.36
CA ALA G 50 49.19 -16.57 42.23
C ALA G 50 50.32 -16.19 43.16
N CYS G 51 50.85 -17.18 43.89
CA CYS G 51 51.97 -16.93 44.78
C CYS G 51 53.28 -17.20 44.04
N LEU G 52 54.23 -16.27 44.16
CA LEU G 52 55.50 -16.36 43.47
C LEU G 52 56.64 -16.41 44.47
N ASN G 53 57.71 -17.09 44.10
CA ASN G 53 58.88 -17.19 44.95
C ASN G 53 59.66 -15.87 44.89
N PRO G 54 59.88 -15.20 46.02
CA PRO G 54 60.66 -13.95 45.98
C PRO G 54 62.08 -14.14 45.47
N ALA G 55 62.71 -15.27 45.77
CA ALA G 55 64.09 -15.48 45.33
C ALA G 55 64.20 -15.78 43.85
N SER G 56 63.11 -16.20 43.22
CA SER G 56 63.16 -16.53 41.80
C SER G 56 63.45 -15.28 40.98
N PRO G 57 64.34 -15.33 39.99
CA PRO G 57 64.57 -14.14 39.15
C PRO G 57 63.34 -13.71 38.38
N MET G 58 62.36 -14.59 38.20
CA MET G 58 61.17 -14.23 37.43
C MET G 58 60.43 -13.06 38.07
N VAL G 59 60.30 -13.07 39.39
CA VAL G 59 59.61 -11.98 40.09
C VAL G 59 60.36 -10.68 39.88
N LYS G 60 61.69 -10.71 39.99
CA LYS G 60 62.47 -9.50 39.78
C LYS G 60 62.28 -8.97 38.36
N LYS G 61 62.29 -9.88 37.38
CA LYS G 61 62.07 -9.48 36.00
C LYS G 61 60.73 -8.80 35.83
N ILE G 62 59.67 -9.42 36.39
CA ILE G 62 58.33 -8.87 36.26
C ILE G 62 58.27 -7.48 36.87
N ILE G 63 58.83 -7.34 38.08
CA ILE G 63 58.71 -6.06 38.80
C ILE G 63 59.49 -4.98 38.07
N GLU G 64 60.71 -5.28 37.63
CA GLU G 64 61.51 -4.27 36.95
C GLU G 64 60.88 -3.87 35.63
N LYS G 65 60.30 -4.84 34.90
CA LYS G 65 59.60 -4.49 33.67
C LYS G 65 58.40 -3.59 33.95
N MET G 66 57.66 -3.90 35.01
CA MET G 66 56.49 -3.09 35.35
C MET G 66 56.89 -1.66 35.71
N LEU G 67 57.94 -1.51 36.51
CA LEU G 67 58.36 -0.17 36.95
C LEU G 67 58.80 0.69 35.77
N LYS G 68 59.20 0.06 34.67
CA LYS G 68 59.62 0.81 33.49
C LYS G 68 58.42 1.21 32.65
#